data_2XHM
#
_entry.id   2XHM
#
_cell.length_a   172.707
_cell.length_b   172.707
_cell.length_c   101.696
_cell.angle_alpha   90.00
_cell.angle_beta   90.00
_cell.angle_gamma   120.00
#
_symmetry.space_group_name_H-M   'H 3'
#
loop_
_entity.id
_entity.type
_entity.pdbx_description
1 polymer 'ANGIOTENSIN CONVERTING ENZYME'
2 branched beta-D-mannopyranose-(1-6)-alpha-D-mannopyranose-(1-3)-[alpha-D-mannopyranose-(1-6)]beta-D-mannopyranose-(1-4)-2-acetamido-2-deoxy-beta-D-glucopyranose-(1-4)-2-acetamido-2-deoxy-beta-D-glucopyranose
3 non-polymer 'N-ACETYL-L-ILE-L-TYR-(R)-1-AMINO-2-(4-HYDROXYPHENYL)ETHYLPHOSPHONIC ACID'
4 non-polymer 'ZINC ION'
5 non-polymer '4-(2-HYDROXYETHYL)-1-PIPERAZINE ETHANESULFONIC ACID'
6 non-polymer 2-acetamido-2-deoxy-beta-D-glucopyranose
7 water water
#
_entity_poly.entity_id   1
_entity_poly.type   'polypeptide(L)'
_entity_poly.pdbx_seq_one_letter_code
;ALVKEEIQAKEYLENLNKELAKRTNVETEAAWAYGSNITDENEKKKNEISAELAKFMKEVASDTTKFQWRSYQSEDLKRQ
FKALTKLGYAALPEDDYAELLDTLSAMESNFAKVKVCDYKDSTKCDLALDPEIEEVISKSRDHEELAYYWREFYDKAGTA
VRSQFERYVELNTKAAKLNNFTSGAEAWLDEYEDDTFEQQLEDIFADIRPLYQQIHGYVRFRLRKHYGDAVVSETGPIPM
HLLGNMWAQQWSEIADIVSPFPEKPLVDVSAEMEKQGYTPLKMFQMGDDFFTSMNLTKLPQDFWDKSIIEKPTDGRDLVC
HASAWDFYLTDDVRIKQCTRVTQDQLFTVHHELGHIQYFLQYQHQPFVYRTGANPGFHEAVGDVLSLSVSTPKHLEKIGL
LKDYVRDDEARINQLFLTALDKIVFLPFAFTMDKYRWSLFRGEVDKANWNCAFWKLRDEYSGIEPPVVRSEKDFDAPAKY
HISADVEYLRYLVSFIIQFQFYKSACIKAGQYDPDNVELPLDNCDIYGSAAAGAAFHNMLSMGASKPWPDALEAFNGERI
MSGKAIAEYFEPLRVWLEAENIKNNVHIGWTTSNKCVS
;
_entity_poly.pdbx_strand_id   A
#
loop_
_chem_comp.id
_chem_comp.type
_chem_comp.name
_chem_comp.formula
BMA D-saccharide, beta linking beta-D-mannopyranose 'C6 H12 O6'
EPE non-polymer '4-(2-HYDROXYETHYL)-1-PIPERAZINE ETHANESULFONIC ACID' 'C8 H18 N2 O4 S'
K26 non-polymer 'N-ACETYL-L-ILE-L-TYR-(R)-1-AMINO-2-(4-HYDROXYPHENYL)ETHYLPHOSPHONIC ACID' 'C25 H34 N3 O8 P'
MAN D-saccharide, alpha linking alpha-D-mannopyranose 'C6 H12 O6'
NAG D-saccharide, beta linking 2-acetamido-2-deoxy-beta-D-glucopyranose 'C8 H15 N O6'
ZN non-polymer 'ZINC ION' 'Zn 2'
#
# COMPACT_ATOMS: atom_id res chain seq x y z
N ALA A 1 -12.46 -23.77 39.83
CA ALA A 1 -12.50 -22.28 39.94
C ALA A 1 -11.88 -21.59 38.72
N LEU A 2 -12.32 -20.38 38.44
CA LEU A 2 -11.83 -19.59 37.31
C LEU A 2 -10.51 -18.89 37.61
N VAL A 3 -10.26 -18.65 38.89
CA VAL A 3 -9.01 -18.02 39.34
C VAL A 3 -7.81 -18.90 38.98
N LYS A 4 -7.91 -20.19 39.32
CA LYS A 4 -6.86 -21.17 39.01
C LYS A 4 -6.71 -21.39 37.50
N GLU A 5 -7.83 -21.36 36.78
CA GLU A 5 -7.81 -21.57 35.34
C GLU A 5 -7.16 -20.40 34.60
N GLU A 6 -7.43 -19.18 35.05
CA GLU A 6 -6.85 -17.98 34.45
C GLU A 6 -5.32 -17.94 34.60
N ILE A 7 -4.83 -18.44 35.73
CA ILE A 7 -3.38 -18.59 35.96
C ILE A 7 -2.80 -19.61 34.99
N GLN A 8 -3.49 -20.74 34.85
CA GLN A 8 -3.10 -21.80 33.91
C GLN A 8 -3.15 -21.32 32.45
N ALA A 9 -4.17 -20.52 32.13
CA ALA A 9 -4.36 -19.98 30.79
C ALA A 9 -3.22 -19.05 30.37
N LYS A 10 -2.77 -18.21 31.29
CA LYS A 10 -1.63 -17.32 31.07
C LYS A 10 -0.38 -18.10 30.65
N GLU A 11 -0.11 -19.20 31.35
CA GLU A 11 1.01 -20.09 31.02
C GLU A 11 0.79 -20.79 29.68
N TYR A 12 -0.45 -21.19 29.41
CA TYR A 12 -0.82 -21.79 28.13
C TYR A 12 -0.52 -20.83 26.97
N LEU A 13 -0.88 -19.56 27.16
CA LEU A 13 -0.69 -18.53 26.13
C LEU A 13 0.78 -18.24 25.88
N GLU A 14 1.56 -18.11 26.96
CA GLU A 14 2.99 -17.86 26.84
C GLU A 14 3.70 -18.90 25.98
N ASN A 15 3.42 -20.17 26.24
CA ASN A 15 4.01 -21.27 25.47
CA ASN A 15 4.01 -21.28 25.47
C ASN A 15 3.52 -21.30 24.02
N LEU A 16 2.20 -21.17 23.85
CA LEU A 16 1.60 -21.22 22.52
C LEU A 16 2.07 -20.10 21.60
N ASN A 17 2.15 -18.88 22.13
CA ASN A 17 2.67 -17.75 21.37
C ASN A 17 4.07 -18.05 20.82
N LYS A 18 4.96 -18.51 21.69
CA LYS A 18 6.33 -18.86 21.30
C LYS A 18 6.35 -19.99 20.27
N GLU A 19 5.45 -20.95 20.42
CA GLU A 19 5.31 -22.02 19.44
C GLU A 19 4.83 -21.51 18.08
N LEU A 20 3.89 -20.57 18.09
CA LEU A 20 3.37 -20.00 16.84
C LEU A 20 4.44 -19.19 16.10
N ALA A 21 5.24 -18.43 16.85
CA ALA A 21 6.35 -17.67 16.28
C ALA A 21 7.32 -18.59 15.55
N LYS A 22 7.67 -19.69 16.21
CA LYS A 22 8.62 -20.65 15.68
C LYS A 22 8.11 -21.38 14.44
N ARG A 23 6.84 -21.79 14.46
CA ARG A 23 6.20 -22.44 13.32
C ARG A 23 6.02 -21.48 12.14
N THR A 24 5.71 -20.22 12.44
CA THR A 24 5.53 -19.20 11.40
C THR A 24 6.87 -18.85 10.74
N ASN A 25 7.94 -18.82 11.56
CA ASN A 25 9.29 -18.66 11.04
C ASN A 25 9.58 -19.62 9.88
N VAL A 26 9.23 -20.90 10.08
CA VAL A 26 9.45 -21.95 9.08
C VAL A 26 8.64 -21.70 7.81
N GLU A 27 7.37 -21.31 7.99
CA GLU A 27 6.51 -20.98 6.86
C GLU A 27 7.08 -19.78 6.10
N THR A 28 7.47 -18.74 6.85
CA THR A 28 8.01 -17.52 6.27
C THR A 28 9.30 -17.78 5.47
N GLU A 29 10.16 -18.65 5.98
CA GLU A 29 11.39 -19.04 5.27
C GLU A 29 11.09 -19.65 3.90
N ALA A 30 10.11 -20.56 3.86
CA ALA A 30 9.69 -21.18 2.61
C ALA A 30 9.02 -20.19 1.65
N ALA A 31 8.29 -19.23 2.21
CA ALA A 31 7.64 -18.18 1.42
C ALA A 31 8.68 -17.22 0.85
N TRP A 32 9.75 -17.01 1.61
CA TRP A 32 10.86 -16.16 1.19
C TRP A 32 11.61 -16.80 0.02
N ALA A 33 11.90 -18.10 0.13
CA ALA A 33 12.63 -18.83 -0.89
C ALA A 33 11.88 -18.84 -2.22
N TYR A 34 10.55 -18.97 -2.14
CA TYR A 34 9.71 -18.96 -3.33
C TYR A 34 9.63 -17.58 -3.97
N GLY A 35 9.43 -16.55 -3.14
CA GLY A 35 9.31 -15.17 -3.61
C GLY A 35 10.59 -14.64 -4.23
N SER A 36 11.72 -15.12 -3.71
CA SER A 36 13.06 -14.75 -4.19
C SER A 36 13.48 -15.56 -5.41
N ASN A 37 12.77 -16.66 -5.67
CA ASN A 37 13.19 -17.66 -6.64
C ASN A 37 12.01 -18.57 -7.00
N ILE A 38 11.17 -18.11 -7.92
CA ILE A 38 9.96 -18.83 -8.31
C ILE A 38 10.29 -20.09 -9.12
N THR A 39 10.03 -21.24 -8.50
CA THR A 39 10.14 -22.55 -9.17
C THR A 39 9.01 -23.47 -8.70
N ASP A 40 8.73 -24.51 -9.46
CA ASP A 40 7.73 -25.51 -9.09
C ASP A 40 8.06 -26.21 -7.76
N GLU A 41 9.36 -26.46 -7.55
CA GLU A 41 9.85 -27.08 -6.32
C GLU A 41 9.60 -26.19 -5.10
N ASN A 42 9.93 -24.90 -5.23
CA ASN A 42 9.76 -23.94 -4.15
C ASN A 42 8.29 -23.60 -3.87
N GLU A 43 7.47 -23.62 -4.91
CA GLU A 43 6.02 -23.46 -4.78
C GLU A 43 5.45 -24.58 -3.91
N LYS A 44 5.74 -25.82 -4.33
CA LYS A 44 5.31 -27.03 -3.60
C LYS A 44 5.74 -26.99 -2.14
N LYS A 45 6.98 -26.59 -1.90
CA LYS A 45 7.52 -26.48 -0.54
C LYS A 45 6.78 -25.45 0.29
N LYS A 46 6.61 -24.25 -0.27
CA LYS A 46 5.91 -23.14 0.40
C LYS A 46 4.50 -23.55 0.83
N ASN A 47 3.76 -24.15 -0.09
CA ASN A 47 2.36 -24.51 0.16
C ASN A 47 2.18 -25.67 1.13
N GLU A 48 3.15 -26.59 1.15
CA GLU A 48 3.07 -27.74 2.06
C GLU A 48 3.32 -27.35 3.51
N ILE A 49 4.26 -26.43 3.73
CA ILE A 49 4.50 -25.89 5.08
C ILE A 49 3.27 -25.12 5.57
N SER A 50 2.64 -24.37 4.66
CA SER A 50 1.43 -23.60 4.99
C SER A 50 0.28 -24.52 5.39
N ALA A 51 0.08 -25.58 4.61
CA ALA A 51 -0.92 -26.61 4.91
C ALA A 51 -0.68 -27.23 6.29
N GLU A 52 0.58 -27.44 6.63
CA GLU A 52 0.99 -27.97 7.93
C GLU A 52 0.65 -27.01 9.09
N LEU A 53 0.99 -25.73 8.92
CA LEU A 53 0.69 -24.71 9.93
C LEU A 53 -0.82 -24.49 10.07
N ALA A 54 -1.55 -24.55 8.96
CA ALA A 54 -3.01 -24.46 8.99
C ALA A 54 -3.61 -25.55 9.87
N LYS A 55 -3.11 -26.79 9.70
CA LYS A 55 -3.56 -27.93 10.50
C LYS A 55 -3.35 -27.69 12.00
N PHE A 56 -2.20 -27.13 12.36
CA PHE A 56 -1.89 -26.83 13.75
C PHE A 56 -2.81 -25.73 14.29
N MET A 57 -3.12 -24.73 13.46
CA MET A 57 -4.03 -23.64 13.83
C MET A 57 -5.43 -24.17 14.18
N LYS A 58 -5.89 -25.14 13.39
CA LYS A 58 -7.17 -25.82 13.65
C LYS A 58 -7.22 -26.43 15.04
N GLU A 59 -6.13 -27.10 15.43
CA GLU A 59 -6.01 -27.70 16.75
C GLU A 59 -6.02 -26.61 17.84
N VAL A 60 -5.36 -25.49 17.55
CA VAL A 60 -5.29 -24.36 18.47
C VAL A 60 -6.69 -23.76 18.73
N ALA A 61 -7.40 -23.43 17.66
CA ALA A 61 -8.75 -22.89 17.77
C ALA A 61 -9.66 -23.85 18.54
N SER A 62 -9.50 -25.14 18.29
CA SER A 62 -10.24 -26.17 19.02
C SER A 62 -9.87 -26.16 20.51
N ASP A 63 -8.58 -26.03 20.80
CA ASP A 63 -8.10 -26.01 22.19
C ASP A 63 -8.54 -24.80 23.00
N THR A 64 -8.86 -23.68 22.34
CA THR A 64 -9.34 -22.48 23.05
C THR A 64 -10.69 -22.71 23.74
N THR A 65 -11.51 -23.60 23.18
CA THR A 65 -12.84 -23.91 23.71
C THR A 65 -12.75 -24.63 25.06
N LYS A 66 -11.57 -25.14 25.39
CA LYS A 66 -11.32 -25.79 26.68
C LYS A 66 -11.13 -24.76 27.79
N PHE A 67 -10.84 -23.51 27.41
CA PHE A 67 -10.68 -22.43 28.37
C PHE A 67 -11.91 -21.54 28.40
N GLN A 68 -12.35 -21.17 29.60
CA GLN A 68 -13.48 -20.27 29.79
C GLN A 68 -13.04 -18.83 29.59
N TRP A 69 -12.39 -18.55 28.47
CA TRP A 69 -11.67 -17.29 28.31
C TRP A 69 -12.55 -16.04 28.36
N ARG A 70 -13.77 -16.13 27.84
CA ARG A 70 -14.73 -15.01 27.93
C ARG A 70 -15.12 -14.63 29.36
N SER A 71 -14.88 -15.54 30.30
CA SER A 71 -15.19 -15.30 31.71
C SER A 71 -14.04 -14.65 32.49
N TYR A 72 -12.88 -14.50 31.84
CA TYR A 72 -11.67 -14.04 32.54
C TYR A 72 -11.71 -12.57 32.96
N GLN A 73 -10.93 -12.25 33.99
CA GLN A 73 -10.80 -10.88 34.47
C GLN A 73 -9.87 -10.03 33.60
N SER A 74 -8.81 -10.65 33.09
CA SER A 74 -7.77 -9.94 32.36
C SER A 74 -8.17 -9.64 30.91
N GLU A 75 -8.30 -8.36 30.60
CA GLU A 75 -8.61 -7.93 29.24
C GLU A 75 -7.52 -8.42 28.28
N ASP A 76 -6.28 -8.44 28.76
CA ASP A 76 -5.13 -8.86 27.96
C ASP A 76 -5.21 -10.33 27.58
N LEU A 77 -5.55 -11.19 28.55
CA LEU A 77 -5.69 -12.61 28.27
C LEU A 77 -6.83 -12.88 27.30
N LYS A 78 -7.97 -12.22 27.55
CA LYS A 78 -9.13 -12.35 26.67
C LYS A 78 -8.82 -11.92 25.23
N ARG A 79 -8.07 -10.84 25.09
CA ARG A 79 -7.68 -10.32 23.77
C ARG A 79 -6.81 -11.32 23.00
N GLN A 80 -5.86 -11.94 23.70
CA GLN A 80 -4.99 -12.97 23.13
C GLN A 80 -5.78 -14.20 22.69
N PHE A 81 -6.68 -14.68 23.57
CA PHE A 81 -7.52 -15.82 23.24
C PHE A 81 -8.43 -15.54 22.04
N LYS A 82 -9.02 -14.34 21.99
CA LYS A 82 -9.86 -13.99 20.85
C LYS A 82 -9.08 -14.05 19.54
N ALA A 83 -7.86 -13.50 19.54
CA ALA A 83 -7.00 -13.54 18.35
C ALA A 83 -6.70 -14.97 17.87
N LEU A 84 -6.55 -15.89 18.83
CA LEU A 84 -6.31 -17.30 18.52
C LEU A 84 -7.50 -18.05 17.94
N THR A 85 -8.72 -17.60 18.24
CA THR A 85 -9.92 -18.23 17.70
C THR A 85 -10.12 -17.94 16.23
N LYS A 86 -9.48 -16.88 15.75
CA LYS A 86 -9.67 -16.43 14.38
C LYS A 86 -8.73 -17.16 13.43
N LEU A 87 -9.30 -18.08 12.65
CA LEU A 87 -8.53 -19.02 11.84
C LEU A 87 -8.20 -18.54 10.43
N GLY A 88 -9.05 -17.65 9.88
CA GLY A 88 -8.94 -17.26 8.48
C GLY A 88 -9.06 -18.47 7.56
N TYR A 89 -8.19 -18.53 6.55
CA TYR A 89 -8.21 -19.61 5.57
C TYR A 89 -8.01 -21.00 6.21
N ALA A 90 -7.27 -21.03 7.31
CA ALA A 90 -7.00 -22.28 8.04
C ALA A 90 -8.27 -22.98 8.58
N ALA A 91 -9.42 -22.31 8.47
CA ALA A 91 -10.69 -22.94 8.86
C ALA A 91 -11.19 -23.92 7.79
N LEU A 92 -10.69 -23.76 6.57
CA LEU A 92 -11.09 -24.63 5.46
C LEU A 92 -10.70 -26.09 5.67
N PRO A 93 -11.49 -27.04 5.14
CA PRO A 93 -11.07 -28.44 5.15
C PRO A 93 -9.73 -28.58 4.44
N GLU A 94 -8.99 -29.64 4.79
CA GLU A 94 -7.64 -29.85 4.30
C GLU A 94 -7.49 -29.70 2.79
N ASP A 95 -8.37 -30.36 2.05
CA ASP A 95 -8.34 -30.34 0.58
C ASP A 95 -8.65 -28.96 0.01
N ASP A 96 -9.60 -28.25 0.63
CA ASP A 96 -9.98 -26.91 0.20
C ASP A 96 -8.90 -25.89 0.44
N TYR A 97 -8.21 -26.00 1.58
CA TYR A 97 -7.09 -25.13 1.89
C TYR A 97 -5.93 -25.34 0.91
N ALA A 98 -5.66 -26.59 0.57
CA ALA A 98 -4.58 -26.92 -0.38
C ALA A 98 -4.90 -26.38 -1.76
N GLU A 99 -6.16 -26.51 -2.18
CA GLU A 99 -6.64 -25.95 -3.43
C GLU A 99 -6.50 -24.43 -3.45
N LEU A 100 -6.87 -23.78 -2.36
CA LEU A 100 -6.76 -22.33 -2.27
C LEU A 100 -5.31 -21.86 -2.42
N LEU A 101 -4.41 -22.52 -1.70
CA LEU A 101 -2.97 -22.23 -1.81
C LEU A 101 -2.46 -22.38 -3.23
N ASP A 102 -2.92 -23.43 -3.92
CA ASP A 102 -2.53 -23.68 -5.31
C ASP A 102 -3.04 -22.60 -6.26
N THR A 103 -4.25 -22.10 -6.00
CA THR A 103 -4.82 -21.03 -6.80
C THR A 103 -4.06 -19.73 -6.57
N LEU A 104 -3.84 -19.40 -5.30
CA LEU A 104 -3.08 -18.21 -4.93
C LEU A 104 -1.69 -18.14 -5.56
N SER A 105 -0.95 -19.24 -5.52
CA SER A 105 0.38 -19.24 -6.14
C SER A 105 0.30 -19.20 -7.67
N ALA A 106 -0.75 -19.79 -8.24
CA ALA A 106 -1.00 -19.68 -9.68
C ALA A 106 -1.18 -18.23 -10.12
N MET A 107 -1.87 -17.43 -9.30
CA MET A 107 -2.11 -16.03 -9.62
C MET A 107 -0.87 -15.16 -9.38
N GLU A 108 -0.20 -15.35 -8.25
CA GLU A 108 0.99 -14.58 -7.94
C GLU A 108 2.14 -14.87 -8.94
N SER A 109 2.29 -16.14 -9.29
CA SER A 109 3.36 -16.54 -10.22
C SER A 109 3.09 -16.03 -11.64
N ASN A 110 1.83 -16.10 -12.07
CA ASN A 110 1.42 -15.52 -13.34
C ASN A 110 1.81 -14.05 -13.44
N PHE A 111 1.44 -13.28 -12.42
CA PHE A 111 1.74 -11.86 -12.36
C PHE A 111 3.24 -11.61 -12.46
N ALA A 112 4.01 -12.38 -11.68
CA ALA A 112 5.45 -12.20 -11.59
C ALA A 112 6.18 -12.57 -12.88
N LYS A 113 5.59 -13.49 -13.65
CA LYS A 113 6.22 -14.00 -14.87
C LYS A 113 5.80 -13.28 -16.16
N VAL A 114 4.96 -12.25 -16.03
CA VAL A 114 4.48 -11.52 -17.21
C VAL A 114 5.65 -10.89 -17.99
N LYS A 115 5.71 -11.21 -19.28
CA LYS A 115 6.67 -10.61 -20.20
C LYS A 115 5.93 -10.19 -21.45
N VAL A 116 6.26 -9.02 -21.99
CA VAL A 116 5.62 -8.54 -23.22
C VAL A 116 6.67 -8.27 -24.30
N CYS A 117 6.21 -8.13 -25.54
CA CYS A 117 7.10 -7.83 -26.66
C CYS A 117 7.33 -6.33 -26.80
N ASP A 118 8.55 -5.95 -27.17
CA ASP A 118 8.90 -4.57 -27.43
C ASP A 118 7.96 -3.97 -28.48
N TYR A 119 7.49 -2.75 -28.21
CA TYR A 119 6.62 -2.00 -29.13
C TYR A 119 7.26 -1.80 -30.49
N LYS A 120 8.59 -1.60 -30.50
CA LYS A 120 9.36 -1.33 -31.71
C LYS A 120 10.02 -2.58 -32.30
N ASP A 121 10.04 -3.67 -31.52
CA ASP A 121 10.76 -4.88 -31.91
C ASP A 121 9.99 -6.13 -31.47
N SER A 122 9.11 -6.62 -32.33
CA SER A 122 8.29 -7.80 -32.06
C SER A 122 9.12 -9.07 -31.79
N THR A 123 10.42 -8.96 -32.00
CA THR A 123 11.38 -10.03 -31.76
C THR A 123 11.82 -10.10 -30.29
N LYS A 124 11.91 -8.93 -29.65
CA LYS A 124 12.37 -8.82 -28.27
C LYS A 124 11.18 -8.91 -27.31
N CYS A 125 10.95 -10.08 -26.74
CA CYS A 125 9.76 -10.33 -25.91
C CYS A 125 10.08 -10.71 -24.47
N ASP A 126 11.05 -10.02 -23.87
CA ASP A 126 11.47 -10.30 -22.50
C ASP A 126 11.34 -9.07 -21.59
N LEU A 127 10.41 -8.19 -21.94
CA LEU A 127 10.17 -6.99 -21.14
C LEU A 127 9.23 -7.31 -19.99
N ALA A 128 9.72 -7.13 -18.76
CA ALA A 128 8.90 -7.33 -17.57
C ALA A 128 8.35 -6.00 -17.08
N LEU A 129 7.29 -6.06 -16.28
CA LEU A 129 6.71 -4.85 -15.67
C LEU A 129 7.79 -4.02 -14.99
N ASP A 130 8.56 -4.67 -14.12
CA ASP A 130 9.63 -4.04 -13.37
C ASP A 130 10.95 -4.60 -13.87
N PRO A 131 11.78 -3.76 -14.53
CA PRO A 131 11.58 -2.32 -14.74
C PRO A 131 11.11 -1.88 -16.14
N GLU A 132 11.17 -2.77 -17.13
CA GLU A 132 11.00 -2.38 -18.55
C GLU A 132 9.68 -1.66 -18.89
N ILE A 133 8.55 -2.30 -18.58
CA ILE A 133 7.25 -1.71 -18.93
C ILE A 133 6.99 -0.42 -18.13
N GLU A 134 7.32 -0.43 -16.85
CA GLU A 134 7.11 0.76 -16.01
C GLU A 134 8.00 1.92 -16.45
N GLU A 135 9.17 1.61 -17.00
CA GLU A 135 10.05 2.63 -17.57
C GLU A 135 9.32 3.41 -18.67
N VAL A 136 8.64 2.68 -19.56
CA VAL A 136 7.90 3.29 -20.65
C VAL A 136 6.69 4.06 -20.15
N ILE A 137 5.85 3.39 -19.36
CA ILE A 137 4.63 4.00 -18.79
C ILE A 137 4.93 5.33 -18.09
N SER A 138 6.03 5.39 -17.36
CA SER A 138 6.40 6.59 -16.61
C SER A 138 7.03 7.69 -17.47
N LYS A 139 7.65 7.31 -18.59
CA LYS A 139 8.46 8.25 -19.37
C LYS A 139 7.96 8.61 -20.77
N SER A 140 7.35 7.65 -21.46
CA SER A 140 6.85 7.89 -22.82
C SER A 140 5.70 8.89 -22.82
N ARG A 141 5.71 9.79 -23.80
CA ARG A 141 4.57 10.66 -24.06
C ARG A 141 3.98 10.36 -25.44
N ASP A 142 4.22 9.15 -25.93
CA ASP A 142 3.64 8.65 -27.16
C ASP A 142 2.40 7.86 -26.76
N HIS A 143 1.22 8.45 -26.96
CA HIS A 143 -0.03 7.87 -26.46
C HIS A 143 -0.34 6.48 -27.02
N GLU A 144 0.10 6.20 -28.25
CA GLU A 144 -0.16 4.89 -28.85
C GLU A 144 0.80 3.82 -28.31
N GLU A 145 2.04 4.21 -28.05
CA GLU A 145 3.00 3.34 -27.38
C GLU A 145 2.47 2.99 -25.98
N LEU A 146 2.04 4.00 -25.24
CA LEU A 146 1.45 3.82 -23.91
C LEU A 146 0.26 2.85 -23.93
N ALA A 147 -0.63 3.02 -24.90
CA ALA A 147 -1.80 2.15 -25.06
C ALA A 147 -1.41 0.71 -25.41
N TYR A 148 -0.37 0.55 -26.22
CA TYR A 148 0.12 -0.78 -26.56
C TYR A 148 0.53 -1.55 -25.30
N TYR A 149 1.39 -0.93 -24.49
CA TYR A 149 1.89 -1.56 -23.28
C TYR A 149 0.79 -1.82 -22.25
N TRP A 150 -0.18 -0.91 -22.19
CA TRP A 150 -1.33 -1.08 -21.29
C TRP A 150 -2.10 -2.35 -21.66
N ARG A 151 -2.44 -2.47 -22.94
CA ARG A 151 -3.20 -3.63 -23.42
C ARG A 151 -2.43 -4.93 -23.21
N GLU A 152 -1.14 -4.94 -23.56
CA GLU A 152 -0.33 -6.15 -23.42
C GLU A 152 -0.26 -6.60 -21.96
N PHE A 153 0.01 -5.66 -21.06
CA PHE A 153 0.13 -6.01 -19.65
C PHE A 153 -1.19 -6.50 -19.04
N TYR A 154 -2.28 -5.76 -19.24
CA TYR A 154 -3.58 -6.13 -18.66
C TYR A 154 -4.09 -7.44 -19.22
N ASP A 155 -3.85 -7.68 -20.51
CA ASP A 155 -4.22 -8.97 -21.12
C ASP A 155 -3.51 -10.14 -20.45
N LYS A 156 -2.23 -9.97 -20.13
CA LYS A 156 -1.40 -11.05 -19.56
C LYS A 156 -1.48 -11.17 -18.05
N ALA A 157 -1.54 -10.05 -17.35
CA ALA A 157 -1.55 -10.06 -15.89
C ALA A 157 -2.97 -10.14 -15.34
N GLY A 158 -3.94 -9.73 -16.14
CA GLY A 158 -5.33 -9.71 -15.70
C GLY A 158 -6.16 -10.85 -16.25
N THR A 159 -6.51 -10.75 -17.52
CA THR A 159 -7.41 -11.70 -18.18
C THR A 159 -6.97 -13.15 -18.03
N ALA A 160 -5.67 -13.39 -18.06
CA ALA A 160 -5.11 -14.75 -18.03
C ALA A 160 -5.48 -15.57 -16.78
N VAL A 161 -5.83 -14.89 -15.69
CA VAL A 161 -6.14 -15.59 -14.44
C VAL A 161 -7.60 -15.49 -13.98
N ARG A 162 -8.52 -15.23 -14.91
CA ARG A 162 -9.94 -15.13 -14.57
C ARG A 162 -10.47 -16.36 -13.83
N SER A 163 -10.26 -17.56 -14.38
CA SER A 163 -10.80 -18.78 -13.78
C SER A 163 -10.22 -19.04 -12.37
N GLN A 164 -8.93 -18.78 -12.19
CA GLN A 164 -8.29 -18.89 -10.89
C GLN A 164 -8.87 -17.89 -9.90
N PHE A 165 -9.08 -16.66 -10.37
CA PHE A 165 -9.66 -15.63 -9.52
C PHE A 165 -11.08 -16.00 -9.07
N GLU A 166 -11.86 -16.58 -9.98
CA GLU A 166 -13.21 -17.06 -9.67
C GLU A 166 -13.21 -18.10 -8.56
N ARG A 167 -12.29 -19.07 -8.65
CA ARG A 167 -12.16 -20.11 -7.64
C ARG A 167 -11.66 -19.55 -6.31
N TYR A 168 -10.77 -18.56 -6.38
CA TYR A 168 -10.27 -17.87 -5.19
C TYR A 168 -11.40 -17.16 -4.42
N VAL A 169 -12.26 -16.44 -5.14
CA VAL A 169 -13.45 -15.80 -4.56
C VAL A 169 -14.35 -16.83 -3.86
N GLU A 170 -14.59 -17.96 -4.52
CA GLU A 170 -15.39 -19.05 -3.93
C GLU A 170 -14.82 -19.56 -2.62
N LEU A 171 -13.51 -19.82 -2.60
CA LEU A 171 -12.86 -20.39 -1.42
C LEU A 171 -12.66 -19.35 -0.33
N ASN A 172 -12.40 -18.10 -0.73
CA ASN A 172 -12.32 -17.00 0.22
C ASN A 172 -13.63 -16.87 0.98
N THR A 173 -14.74 -16.96 0.25
CA THR A 173 -16.09 -16.87 0.84
C THR A 173 -16.39 -18.04 1.76
N LYS A 174 -16.05 -19.25 1.30
CA LYS A 174 -16.22 -20.45 2.11
C LYS A 174 -15.44 -20.35 3.42
N ALA A 175 -14.20 -19.85 3.35
CA ALA A 175 -13.39 -19.64 4.55
C ALA A 175 -14.02 -18.64 5.52
N ALA A 176 -14.44 -17.50 4.99
CA ALA A 176 -15.06 -16.45 5.80
C ALA A 176 -16.29 -16.97 6.55
N LYS A 177 -17.12 -17.74 5.85
CA LYS A 177 -18.34 -18.28 6.44
C LYS A 177 -18.05 -19.34 7.50
N LEU A 178 -16.98 -20.11 7.33
CA LEU A 178 -16.53 -21.07 8.35
C LEU A 178 -16.05 -20.37 9.63
N ASN A 179 -15.66 -19.11 9.50
CA ASN A 179 -15.31 -18.27 10.65
C ASN A 179 -16.52 -17.44 11.11
N ASN A 180 -17.66 -17.69 10.47
CA ASN A 180 -18.93 -17.00 10.75
C ASN A 180 -18.94 -15.50 10.45
N PHE A 181 -18.10 -15.08 9.50
CA PHE A 181 -18.28 -13.78 8.86
C PHE A 181 -19.20 -14.00 7.66
N THR A 182 -19.92 -12.97 7.25
CA THR A 182 -20.82 -13.05 6.10
C THR A 182 -20.04 -13.33 4.82
N SER A 183 -18.86 -12.72 4.71
CA SER A 183 -18.03 -12.82 3.51
C SER A 183 -16.60 -12.37 3.85
N GLY A 184 -15.71 -12.46 2.87
CA GLY A 184 -14.33 -12.01 3.03
C GLY A 184 -14.19 -10.53 3.32
N ALA A 185 -15.17 -9.74 2.89
CA ALA A 185 -15.21 -8.31 3.20
C ALA A 185 -15.25 -8.10 4.71
N GLU A 186 -16.15 -8.80 5.39
CA GLU A 186 -16.28 -8.70 6.85
C GLU A 186 -15.05 -9.27 7.57
N ALA A 187 -14.46 -10.32 7.02
CA ALA A 187 -13.25 -10.90 7.59
C ALA A 187 -12.11 -9.87 7.56
N TRP A 188 -11.94 -9.19 6.43
CA TRP A 188 -10.93 -8.13 6.32
C TRP A 188 -11.23 -6.96 7.28
N LEU A 189 -12.48 -6.52 7.27
CA LEU A 189 -12.88 -5.37 8.08
C LEU A 189 -12.74 -5.60 9.58
N ASP A 190 -12.75 -6.87 9.98
CA ASP A 190 -12.60 -7.26 11.38
C ASP A 190 -11.26 -6.79 11.97
N GLU A 191 -10.24 -6.69 11.11
CA GLU A 191 -8.92 -6.19 11.51
C GLU A 191 -8.92 -4.76 12.07
N TYR A 192 -9.99 -4.00 11.79
CA TYR A 192 -10.08 -2.61 12.25
C TYR A 192 -10.87 -2.42 13.55
N GLU A 193 -11.43 -3.52 14.07
CA GLU A 193 -12.10 -3.54 15.37
C GLU A 193 -13.05 -2.35 15.57
N ASP A 194 -13.92 -2.11 14.60
CA ASP A 194 -14.81 -0.97 14.65
C ASP A 194 -15.98 -1.19 13.69
N ASP A 195 -17.17 -1.40 14.25
CA ASP A 195 -18.34 -1.73 13.43
C ASP A 195 -18.90 -0.59 12.56
N THR A 196 -18.35 0.62 12.72
CA THR A 196 -18.75 1.74 11.84
C THR A 196 -17.63 2.16 10.89
N PHE A 197 -16.63 1.30 10.72
CA PHE A 197 -15.41 1.68 10.00
C PHE A 197 -15.65 2.09 8.55
N GLU A 198 -16.49 1.35 7.83
CA GLU A 198 -16.82 1.69 6.44
C GLU A 198 -17.48 3.06 6.36
N GLN A 199 -18.47 3.30 7.21
CA GLN A 199 -19.13 4.59 7.22
C GLN A 199 -18.16 5.74 7.50
N GLN A 200 -17.26 5.53 8.45
CA GLN A 200 -16.25 6.52 8.80
C GLN A 200 -15.39 6.91 7.59
N LEU A 201 -14.99 5.91 6.82
CA LEU A 201 -14.22 6.13 5.59
C LEU A 201 -15.04 6.81 4.50
N GLU A 202 -16.31 6.44 4.38
CA GLU A 202 -17.22 7.12 3.45
C GLU A 202 -17.30 8.62 3.77
N ASP A 203 -17.45 8.93 5.06
CA ASP A 203 -17.53 10.32 5.52
C ASP A 203 -16.25 11.09 5.23
N ILE A 204 -15.10 10.50 5.54
CA ILE A 204 -13.80 11.15 5.27
C ILE A 204 -13.58 11.32 3.77
N PHE A 205 -13.85 10.28 2.99
CA PHE A 205 -13.72 10.37 1.53
C PHE A 205 -14.60 11.49 0.96
N ALA A 206 -15.85 11.57 1.42
CA ALA A 206 -16.77 12.61 0.96
C ALA A 206 -16.26 14.05 1.20
N ASP A 207 -15.52 14.25 2.29
CA ASP A 207 -14.92 15.55 2.60
C ASP A 207 -13.76 15.92 1.66
N ILE A 208 -12.97 14.93 1.26
CA ILE A 208 -11.78 15.17 0.42
C ILE A 208 -12.12 15.08 -1.08
N ARG A 209 -13.22 14.42 -1.39
CA ARG A 209 -13.63 14.23 -2.79
C ARG A 209 -13.69 15.51 -3.65
N PRO A 210 -14.22 16.63 -3.10
CA PRO A 210 -14.22 17.87 -3.88
C PRO A 210 -12.83 18.34 -4.29
N LEU A 211 -11.84 18.21 -3.41
CA LEU A 211 -10.46 18.54 -3.78
C LEU A 211 -9.95 17.64 -4.90
N TYR A 212 -10.27 16.34 -4.82
CA TYR A 212 -9.88 15.41 -5.89
C TYR A 212 -10.45 15.82 -7.25
N GLN A 213 -11.73 16.23 -7.27
CA GLN A 213 -12.40 16.69 -8.50
C GLN A 213 -11.67 17.87 -9.13
N GLN A 214 -11.20 18.79 -8.29
CA GLN A 214 -10.47 19.97 -8.76
C GLN A 214 -9.13 19.59 -9.40
N ILE A 215 -8.42 18.65 -8.77
CA ILE A 215 -7.13 18.17 -9.25
C ILE A 215 -7.33 17.41 -10.55
N HIS A 216 -8.32 16.53 -10.56
CA HIS A 216 -8.73 15.79 -11.75
C HIS A 216 -9.02 16.74 -12.91
N GLY A 217 -9.87 17.73 -12.66
CA GLY A 217 -10.24 18.72 -13.67
C GLY A 217 -9.06 19.46 -14.25
N TYR A 218 -8.15 19.91 -13.38
CA TYR A 218 -6.95 20.64 -13.81
C TYR A 218 -5.98 19.77 -14.60
N VAL A 219 -5.79 18.53 -14.14
CA VAL A 219 -4.91 17.59 -14.83
C VAL A 219 -5.43 17.30 -16.26
N ARG A 220 -6.73 17.06 -16.37
CA ARG A 220 -7.39 16.82 -17.66
C ARG A 220 -7.22 18.01 -18.62
N PHE A 221 -7.43 19.22 -18.09
CA PHE A 221 -7.18 20.46 -18.81
C PHE A 221 -5.76 20.51 -19.36
N ARG A 222 -4.77 20.23 -18.50
CA ARG A 222 -3.38 20.31 -18.91
C ARG A 222 -2.98 19.20 -19.89
N LEU A 223 -3.59 18.03 -19.74
CA LEU A 223 -3.36 16.93 -20.66
C LEU A 223 -3.91 17.19 -22.07
N ARG A 224 -5.03 17.92 -22.15
CA ARG A 224 -5.62 18.33 -23.44
C ARG A 224 -4.66 19.25 -24.20
N LYS A 225 -3.99 20.14 -23.47
CA LYS A 225 -3.02 21.06 -24.06
C LYS A 225 -1.80 20.30 -24.60
N HIS A 226 -1.44 19.21 -23.94
CA HIS A 226 -0.29 18.40 -24.34
C HIS A 226 -0.62 17.43 -25.49
N TYR A 227 -1.70 16.67 -25.35
CA TYR A 227 -2.04 15.61 -26.30
C TYR A 227 -3.07 16.04 -27.36
N GLY A 228 -3.79 17.12 -27.10
CA GLY A 228 -4.86 17.57 -28.00
C GLY A 228 -6.18 16.88 -27.70
N ASP A 229 -7.26 17.43 -28.25
CA ASP A 229 -8.61 16.97 -27.92
C ASP A 229 -9.04 15.66 -28.58
N ALA A 230 -8.28 15.19 -29.57
CA ALA A 230 -8.51 13.86 -30.14
C ALA A 230 -8.17 12.74 -29.14
N VAL A 231 -7.22 13.02 -28.25
CA VAL A 231 -6.75 12.03 -27.28
C VAL A 231 -7.48 12.17 -25.94
N VAL A 232 -7.68 13.41 -25.51
CA VAL A 232 -8.32 13.74 -24.22
C VAL A 232 -9.50 14.67 -24.43
N SER A 233 -10.69 14.24 -24.02
CA SER A 233 -11.88 15.08 -24.11
C SER A 233 -12.02 15.96 -22.87
N GLU A 234 -12.74 17.07 -23.01
CA GLU A 234 -12.95 18.01 -21.91
C GLU A 234 -13.88 17.43 -20.85
N THR A 235 -14.88 16.66 -21.28
CA THR A 235 -15.98 16.28 -20.42
C THR A 235 -15.97 14.81 -20.01
N GLY A 236 -15.10 14.01 -20.62
CA GLY A 236 -15.07 12.57 -20.35
C GLY A 236 -14.01 12.16 -19.34
N PRO A 237 -14.06 10.89 -18.90
CA PRO A 237 -13.01 10.34 -18.03
C PRO A 237 -11.64 10.40 -18.70
N ILE A 238 -10.61 10.61 -17.89
CA ILE A 238 -9.24 10.69 -18.40
C ILE A 238 -8.78 9.29 -18.86
N PRO A 239 -8.26 9.19 -20.10
CA PRO A 239 -7.63 7.94 -20.52
C PRO A 239 -6.45 7.64 -19.61
N MET A 240 -6.52 6.52 -18.90
CA MET A 240 -5.64 6.24 -17.77
C MET A 240 -4.17 6.03 -18.13
N HIS A 241 -3.92 5.63 -19.38
CA HIS A 241 -2.57 5.34 -19.85
C HIS A 241 -1.69 6.59 -19.98
N LEU A 242 -2.31 7.76 -19.88
CA LEU A 242 -1.60 9.05 -19.98
C LEU A 242 -1.17 9.58 -18.61
N LEU A 243 -1.45 8.82 -17.56
CA LEU A 243 -1.27 9.33 -16.19
C LEU A 243 0.05 8.89 -15.52
N GLY A 244 0.91 8.21 -16.28
CA GLY A 244 2.27 7.90 -15.83
C GLY A 244 2.40 6.71 -14.88
N ASN A 245 1.32 5.95 -14.76
CA ASN A 245 1.27 4.80 -13.86
C ASN A 245 0.34 3.76 -14.45
N MET A 246 0.76 2.50 -14.39
CA MET A 246 0.02 1.39 -15.02
C MET A 246 -1.41 1.28 -14.51
N TRP A 247 -1.65 1.72 -13.28
CA TRP A 247 -2.96 1.61 -12.64
C TRP A 247 -3.58 2.97 -12.35
N ALA A 248 -2.89 4.03 -12.78
CA ALA A 248 -3.27 5.43 -12.54
C ALA A 248 -3.50 5.72 -11.05
N GLN A 249 -2.76 5.03 -10.19
CA GLN A 249 -2.96 5.15 -8.74
C GLN A 249 -2.30 6.39 -8.15
N GLN A 250 -1.21 6.82 -8.81
CA GLN A 250 -0.52 8.07 -8.49
CA GLN A 250 -0.53 8.07 -8.49
C GLN A 250 -0.06 8.72 -9.80
N TRP A 251 -0.13 10.04 -9.87
CA TRP A 251 0.16 10.72 -11.15
C TRP A 251 1.42 11.55 -11.20
N SER A 252 2.28 11.41 -10.20
CA SER A 252 3.46 12.28 -10.10
C SER A 252 4.43 12.18 -11.29
N GLU A 253 4.41 11.05 -12.01
CA GLU A 253 5.32 10.87 -13.14
C GLU A 253 5.04 11.84 -14.30
N ILE A 254 3.84 12.42 -14.35
CA ILE A 254 3.50 13.41 -15.39
C ILE A 254 3.49 14.85 -14.88
N ALA A 255 4.05 15.06 -13.68
CA ALA A 255 4.13 16.40 -13.09
C ALA A 255 4.78 17.43 -14.00
N ASP A 256 5.76 17.00 -14.80
CA ASP A 256 6.48 17.92 -15.69
C ASP A 256 5.59 18.52 -16.78
N ILE A 257 4.48 17.87 -17.10
CA ILE A 257 3.55 18.41 -18.09
C ILE A 257 2.25 19.00 -17.51
N VAL A 258 2.01 18.82 -16.21
CA VAL A 258 0.78 19.32 -15.60
C VAL A 258 1.01 20.29 -14.42
N SER A 259 2.27 20.65 -14.18
CA SER A 259 2.61 21.48 -13.02
C SER A 259 2.07 22.90 -13.17
N PRO A 260 1.51 23.45 -12.08
CA PRO A 260 0.93 24.79 -12.06
C PRO A 260 1.83 25.88 -12.64
N PHE A 261 3.11 25.86 -12.31
CA PHE A 261 4.06 26.88 -12.75
C PHE A 261 5.28 26.24 -13.41
N PRO A 262 5.20 25.94 -14.73
CA PRO A 262 6.24 25.23 -15.46
C PRO A 262 7.59 25.95 -15.52
N GLU A 263 7.56 27.28 -15.36
CA GLU A 263 8.78 28.08 -15.40
C GLU A 263 9.49 28.12 -14.03
N LYS A 264 8.79 27.65 -13.00
CA LYS A 264 9.35 27.57 -11.66
C LYS A 264 9.78 26.13 -11.32
N PRO A 265 10.63 25.95 -10.28
CA PRO A 265 11.20 24.63 -10.01
C PRO A 265 10.18 23.55 -9.65
N LEU A 266 10.41 22.37 -10.19
CA LEU A 266 9.66 21.18 -9.83
C LEU A 266 10.66 20.14 -9.36
N VAL A 267 10.48 19.67 -8.14
CA VAL A 267 11.42 18.75 -7.50
C VAL A 267 11.41 17.38 -8.18
N ASP A 268 12.55 17.02 -8.77
CA ASP A 268 12.76 15.70 -9.37
C ASP A 268 14.25 15.36 -9.23
N VAL A 269 14.59 14.64 -8.17
CA VAL A 269 15.99 14.42 -7.77
C VAL A 269 16.64 13.17 -8.36
N SER A 270 15.90 12.43 -9.19
CA SER A 270 16.42 11.21 -9.81
C SER A 270 17.75 11.43 -10.52
N ALA A 271 17.81 12.51 -11.32
CA ALA A 271 19.04 12.84 -12.07
C ALA A 271 20.23 13.12 -11.16
N GLU A 272 20.00 13.88 -10.09
CA GLU A 272 21.05 14.19 -9.12
C GLU A 272 21.52 12.96 -8.34
N MET A 273 20.59 12.05 -8.06
CA MET A 273 20.92 10.79 -7.40
C MET A 273 21.89 9.99 -8.26
N GLU A 274 21.60 9.90 -9.55
CA GLU A 274 22.47 9.20 -10.49
C GLU A 274 23.83 9.90 -10.64
N LYS A 275 23.80 11.24 -10.65
CA LYS A 275 25.01 12.06 -10.76
C LYS A 275 25.93 11.90 -9.55
N GLN A 276 25.34 11.80 -8.35
CA GLN A 276 26.11 11.59 -7.12
C GLN A 276 26.52 10.13 -6.90
N GLY A 277 26.19 9.26 -7.86
CA GLY A 277 26.58 7.85 -7.81
C GLY A 277 25.84 7.01 -6.78
N TYR A 278 24.59 7.39 -6.49
CA TYR A 278 23.73 6.62 -5.59
C TYR A 278 23.59 5.16 -6.02
N THR A 279 23.49 4.29 -5.03
CA THR A 279 23.25 2.86 -5.24
C THR A 279 22.06 2.46 -4.35
N PRO A 280 21.45 1.29 -4.63
CA PRO A 280 20.44 0.76 -3.71
C PRO A 280 20.96 0.68 -2.27
N LEU A 281 22.18 0.18 -2.09
CA LEU A 281 22.80 0.07 -0.77
C LEU A 281 22.83 1.42 -0.05
N LYS A 282 23.29 2.46 -0.75
CA LYS A 282 23.31 3.82 -0.22
C LYS A 282 21.92 4.33 0.20
N MET A 283 20.92 4.06 -0.65
CA MET A 283 19.54 4.44 -0.36
C MET A 283 19.03 3.81 0.94
N PHE A 284 19.28 2.51 1.11
CA PHE A 284 18.89 1.82 2.34
C PHE A 284 19.66 2.32 3.57
N GLN A 285 20.96 2.59 3.40
CA GLN A 285 21.77 3.15 4.47
C GLN A 285 21.26 4.52 4.89
N MET A 286 20.79 5.30 3.91
CA MET A 286 20.20 6.61 4.18
C MET A 286 18.88 6.52 4.93
N GLY A 287 18.07 5.53 4.58
CA GLY A 287 16.82 5.25 5.30
C GLY A 287 17.11 4.88 6.75
N ASP A 288 18.07 3.97 6.94
CA ASP A 288 18.54 3.57 8.27
C ASP A 288 18.97 4.78 9.08
N ASP A 289 19.76 5.66 8.46
CA ASP A 289 20.18 6.93 9.05
C ASP A 289 19.00 7.78 9.51
N PHE A 290 17.96 7.87 8.69
CA PHE A 290 16.78 8.66 9.06
C PHE A 290 16.13 8.12 10.33
N PHE A 291 15.95 6.80 10.41
CA PHE A 291 15.35 6.20 11.59
C PHE A 291 16.21 6.39 12.85
N THR A 292 17.49 6.04 12.76
CA THR A 292 18.41 6.19 13.90
C THR A 292 18.55 7.65 14.32
N SER A 293 18.44 8.57 13.37
CA SER A 293 18.52 10.01 13.65
C SER A 293 17.38 10.47 14.56
N MET A 294 16.25 9.77 14.49
CA MET A 294 15.09 10.08 15.33
C MET A 294 15.14 9.30 16.64
N ASN A 295 16.28 8.65 16.90
CA ASN A 295 16.48 7.82 18.09
C ASN A 295 15.66 6.53 18.04
N LEU A 296 15.45 6.01 16.82
CA LEU A 296 14.77 4.74 16.62
C LEU A 296 15.81 3.67 16.30
N THR A 297 15.36 2.44 16.10
CA THR A 297 16.24 1.28 16.07
C THR A 297 17.00 1.09 14.76
N LYS A 298 18.30 0.89 14.90
CA LYS A 298 19.23 0.58 13.81
C LYS A 298 18.88 -0.77 13.16
N LEU A 299 19.05 -0.84 11.85
CA LEU A 299 18.88 -2.11 11.15
C LEU A 299 19.93 -3.12 11.62
N PRO A 300 19.48 -4.32 12.01
CA PRO A 300 20.37 -5.37 12.50
C PRO A 300 21.19 -5.99 11.37
N GLN A 301 22.24 -6.72 11.73
CA GLN A 301 23.14 -7.32 10.74
C GLN A 301 22.45 -8.34 9.82
N ASP A 302 21.49 -9.08 10.36
CA ASP A 302 20.69 -10.01 9.57
C ASP A 302 20.00 -9.33 8.39
N PHE A 303 19.54 -8.10 8.61
CA PHE A 303 18.91 -7.33 7.54
C PHE A 303 19.88 -7.16 6.37
N TRP A 304 21.08 -6.66 6.65
CA TRP A 304 22.07 -6.43 5.60
C TRP A 304 22.57 -7.72 4.95
N ASP A 305 22.70 -8.78 5.75
CA ASP A 305 23.20 -10.07 5.25
C ASP A 305 22.21 -10.79 4.35
N LYS A 306 20.92 -10.66 4.67
CA LYS A 306 19.90 -11.52 4.07
C LYS A 306 18.92 -10.83 3.11
N SER A 307 18.88 -9.50 3.14
CA SER A 307 17.97 -8.75 2.26
C SER A 307 18.38 -8.86 0.79
N ILE A 308 17.39 -8.72 -0.09
CA ILE A 308 17.64 -8.60 -1.52
C ILE A 308 17.22 -7.18 -1.90
N ILE A 309 18.21 -6.35 -2.24
CA ILE A 309 17.95 -4.95 -2.53
C ILE A 309 18.21 -4.56 -3.99
N GLU A 310 18.45 -5.55 -4.84
CA GLU A 310 18.58 -5.35 -6.27
C GLU A 310 17.95 -6.52 -6.99
N LYS A 311 17.37 -6.27 -8.15
CA LYS A 311 16.86 -7.35 -8.98
C LYS A 311 18.04 -8.24 -9.38
N PRO A 312 17.97 -9.55 -9.06
CA PRO A 312 19.00 -10.51 -9.43
C PRO A 312 19.22 -10.53 -10.96
N THR A 313 20.49 -10.69 -11.35
CA THR A 313 20.87 -10.58 -12.77
C THR A 313 21.00 -11.91 -13.51
N ASP A 314 20.70 -13.02 -12.84
CA ASP A 314 20.56 -14.30 -13.53
C ASP A 314 19.18 -14.36 -14.23
N GLY A 315 18.86 -15.50 -14.84
CA GLY A 315 17.61 -15.60 -15.60
C GLY A 315 16.35 -15.86 -14.79
N ARG A 316 16.47 -15.88 -13.45
CA ARG A 316 15.40 -16.40 -12.59
C ARG A 316 14.14 -15.53 -12.54
N ASP A 317 13.01 -16.19 -12.30
CA ASP A 317 11.76 -15.53 -12.02
C ASP A 317 11.65 -15.26 -10.52
N LEU A 318 11.10 -14.09 -10.17
CA LEU A 318 10.89 -13.70 -8.78
C LEU A 318 9.74 -12.70 -8.68
N VAL A 319 9.29 -12.45 -7.47
CA VAL A 319 8.32 -11.38 -7.21
C VAL A 319 9.11 -10.11 -6.95
N CYS A 320 8.94 -9.11 -7.82
CA CYS A 320 9.66 -7.84 -7.68
C CYS A 320 8.88 -6.76 -6.95
N HIS A 321 7.58 -6.97 -6.69
CA HIS A 321 6.86 -5.99 -5.87
C HIS A 321 7.51 -5.91 -4.49
N ALA A 322 7.95 -4.71 -4.13
CA ALA A 322 8.68 -4.48 -2.88
C ALA A 322 7.94 -4.99 -1.65
N SER A 323 8.66 -5.70 -0.77
CA SER A 323 8.06 -6.27 0.43
C SER A 323 9.03 -6.30 1.60
N ALA A 324 8.46 -6.28 2.81
CA ALA A 324 9.21 -6.34 4.05
C ALA A 324 8.76 -7.56 4.86
N TRP A 325 9.72 -8.22 5.51
CA TRP A 325 9.52 -9.55 6.07
C TRP A 325 9.95 -9.65 7.52
N ASP A 326 9.05 -10.16 8.36
CA ASP A 326 9.34 -10.41 9.77
C ASP A 326 9.43 -11.91 9.96
N PHE A 327 10.58 -12.38 10.42
CA PHE A 327 10.79 -13.83 10.57
C PHE A 327 10.48 -14.35 11.97
N TYR A 328 10.03 -13.44 12.83
CA TYR A 328 9.47 -13.78 14.14
C TYR A 328 10.45 -14.39 15.16
N LEU A 329 11.74 -14.15 14.96
CA LEU A 329 12.74 -14.51 15.96
C LEU A 329 13.17 -13.23 16.67
N THR A 330 14.48 -13.03 16.81
CA THR A 330 15.01 -11.74 17.23
C THR A 330 15.90 -11.21 16.11
N ASP A 331 15.57 -10.01 15.62
CA ASP A 331 16.38 -9.27 14.64
C ASP A 331 16.51 -9.88 13.25
N ASP A 332 15.77 -10.96 12.98
CA ASP A 332 15.75 -11.50 11.63
C ASP A 332 14.61 -10.85 10.87
N VAL A 333 14.94 -9.74 10.20
CA VAL A 333 14.00 -8.96 9.41
C VAL A 333 14.65 -8.65 8.06
N ARG A 334 13.86 -8.66 6.99
CA ARG A 334 14.39 -8.54 5.63
C ARG A 334 13.51 -7.71 4.71
N ILE A 335 14.11 -7.14 3.68
CA ILE A 335 13.39 -6.52 2.59
C ILE A 335 13.79 -7.20 1.29
N LYS A 336 12.81 -7.40 0.41
CA LYS A 336 13.08 -7.76 -0.97
C LYS A 336 12.54 -6.63 -1.83
N GLN A 337 13.45 -5.92 -2.50
CA GLN A 337 13.09 -4.81 -3.38
C GLN A 337 13.99 -4.81 -4.60
N CYS A 338 13.40 -4.67 -5.78
CA CYS A 338 14.15 -4.49 -7.01
C CYS A 338 14.43 -3.00 -7.17
N THR A 339 15.25 -2.46 -6.26
CA THR A 339 15.48 -1.03 -6.17
C THR A 339 16.13 -0.39 -7.40
N ARG A 340 15.60 0.76 -7.78
CA ARG A 340 16.18 1.59 -8.83
C ARG A 340 16.53 2.94 -8.22
N VAL A 341 17.46 3.64 -8.86
CA VAL A 341 17.91 4.92 -8.36
C VAL A 341 17.01 6.04 -8.88
N THR A 342 15.87 6.23 -8.22
CA THR A 342 14.91 7.29 -8.56
C THR A 342 14.35 7.92 -7.29
N GLN A 343 13.74 9.09 -7.43
CA GLN A 343 13.08 9.77 -6.31
C GLN A 343 11.96 8.92 -5.70
N ASP A 344 11.08 8.39 -6.55
CA ASP A 344 9.97 7.56 -6.08
C ASP A 344 10.46 6.32 -5.33
N GLN A 345 11.54 5.72 -5.84
CA GLN A 345 12.16 4.57 -5.20
C GLN A 345 12.77 4.90 -3.85
N LEU A 346 13.27 6.12 -3.69
CA LEU A 346 13.78 6.59 -2.41
C LEU A 346 12.66 6.64 -1.37
N PHE A 347 11.46 7.04 -1.80
CA PHE A 347 10.30 7.01 -0.91
C PHE A 347 9.89 5.58 -0.60
N THR A 348 9.92 4.72 -1.61
CA THR A 348 9.59 3.31 -1.45
C THR A 348 10.52 2.62 -0.44
N VAL A 349 11.82 2.89 -0.53
CA VAL A 349 12.78 2.36 0.44
C VAL A 349 12.38 2.74 1.86
N HIS A 350 12.00 4.00 2.05
CA HIS A 350 11.56 4.47 3.36
C HIS A 350 10.22 3.84 3.79
N HIS A 351 9.34 3.58 2.81
CA HIS A 351 8.09 2.89 3.10
C HIS A 351 8.36 1.49 3.66
N GLU A 352 9.21 0.73 2.96
CA GLU A 352 9.54 -0.63 3.37
C GLU A 352 10.27 -0.67 4.71
N LEU A 353 11.17 0.30 4.93
CA LEU A 353 11.93 0.38 6.18
C LEU A 353 11.02 0.74 7.35
N GLY A 354 9.89 1.37 7.05
CA GLY A 354 8.86 1.67 8.05
C GLY A 354 8.23 0.39 8.58
N HIS A 355 8.01 -0.58 7.69
CA HIS A 355 7.52 -1.90 8.10
C HIS A 355 8.56 -2.57 9.00
N ILE A 356 9.81 -2.56 8.54
CA ILE A 356 10.92 -3.15 9.29
C ILE A 356 11.03 -2.55 10.70
N GLN A 357 10.96 -1.23 10.79
CA GLN A 357 11.02 -0.55 12.09
C GLN A 357 9.92 -1.04 13.03
N TYR A 358 8.69 -1.17 12.50
CA TYR A 358 7.56 -1.67 13.28
C TYR A 358 7.86 -3.09 13.81
N PHE A 359 8.43 -3.96 12.97
CA PHE A 359 8.83 -5.31 13.39
C PHE A 359 9.76 -5.26 14.60
N LEU A 360 10.79 -4.41 14.51
CA LEU A 360 11.81 -4.31 15.54
C LEU A 360 11.25 -3.72 16.84
N GLN A 361 10.31 -2.79 16.70
CA GLN A 361 9.67 -2.12 17.83
C GLN A 361 8.78 -3.04 18.67
N TYR A 362 8.12 -4.01 18.03
CA TYR A 362 7.22 -4.90 18.76
C TYR A 362 7.67 -6.36 18.89
N GLN A 363 8.91 -6.66 18.54
CA GLN A 363 9.38 -8.06 18.57
C GLN A 363 9.45 -8.68 19.98
N HIS A 364 9.36 -7.85 21.00
CA HIS A 364 9.33 -8.32 22.39
C HIS A 364 7.93 -8.73 22.83
N GLN A 365 6.91 -8.28 22.10
CA GLN A 365 5.51 -8.64 22.37
C GLN A 365 5.25 -10.12 22.13
N PRO A 366 4.23 -10.70 22.80
CA PRO A 366 3.80 -12.04 22.43
C PRO A 366 3.40 -12.11 20.95
N PHE A 367 3.60 -13.27 20.34
CA PHE A 367 3.37 -13.46 18.90
C PHE A 367 2.10 -12.80 18.35
N VAL A 368 0.96 -13.03 18.99
CA VAL A 368 -0.31 -12.52 18.46
C VAL A 368 -0.39 -11.00 18.45
N TYR A 369 0.47 -10.34 19.23
CA TYR A 369 0.55 -8.88 19.28
C TYR A 369 1.64 -8.31 18.37
N ARG A 370 2.39 -9.19 17.70
CA ARG A 370 3.48 -8.77 16.81
C ARG A 370 2.96 -8.47 15.40
N THR A 371 2.20 -7.38 15.31
CA THR A 371 1.53 -6.95 14.09
C THR A 371 1.07 -5.51 14.32
N GLY A 372 0.59 -4.85 13.28
CA GLY A 372 0.15 -3.45 13.41
C GLY A 372 -1.06 -3.27 14.30
N ALA A 373 -1.21 -2.08 14.88
CA ALA A 373 -2.39 -1.75 15.68
C ALA A 373 -3.66 -1.97 14.84
N ASN A 374 -3.61 -1.50 13.60
CA ASN A 374 -4.47 -2.01 12.53
C ASN A 374 -3.66 -1.99 11.22
N PRO A 375 -4.14 -2.65 10.15
CA PRO A 375 -3.28 -2.73 8.96
C PRO A 375 -2.84 -1.37 8.41
N GLY A 376 -3.67 -0.34 8.61
CA GLY A 376 -3.31 1.03 8.21
C GLY A 376 -2.09 1.61 8.90
N PHE A 377 -1.93 1.33 10.19
CA PHE A 377 -0.77 1.80 10.96
C PHE A 377 0.54 1.33 10.36
N HIS A 378 0.58 0.07 9.94
CA HIS A 378 1.81 -0.53 9.42
C HIS A 378 2.24 0.16 8.12
N GLU A 379 1.27 0.51 7.28
CA GLU A 379 1.54 1.18 6.01
C GLU A 379 1.91 2.66 6.18
N ALA A 380 1.48 3.26 7.29
CA ALA A 380 1.68 4.69 7.53
C ALA A 380 3.09 5.07 7.98
N VAL A 381 3.74 4.17 8.74
CA VAL A 381 5.02 4.46 9.38
C VAL A 381 6.05 5.04 8.40
N GLY A 382 6.40 4.26 7.36
CA GLY A 382 7.41 4.68 6.39
C GLY A 382 7.04 5.93 5.63
N ASP A 383 5.73 6.11 5.39
CA ASP A 383 5.22 7.25 4.63
C ASP A 383 5.34 8.58 5.37
N VAL A 384 5.24 8.54 6.70
CA VAL A 384 5.48 9.73 7.53
C VAL A 384 6.89 10.26 7.29
N LEU A 385 7.87 9.35 7.27
CA LEU A 385 9.26 9.68 6.99
C LEU A 385 9.39 10.17 5.54
N SER A 386 8.77 9.46 4.60
CA SER A 386 8.81 9.83 3.18
C SER A 386 8.26 11.23 2.91
N LEU A 387 7.24 11.62 3.66
CA LEU A 387 6.69 12.98 3.55
C LEU A 387 7.75 14.04 3.85
N SER A 388 8.55 13.82 4.90
CA SER A 388 9.58 14.80 5.24
C SER A 388 10.80 14.69 4.32
N VAL A 389 11.14 13.49 3.86
CA VAL A 389 12.23 13.33 2.90
C VAL A 389 11.93 14.05 1.58
N SER A 390 10.66 14.10 1.22
CA SER A 390 10.18 14.73 -0.02
C SER A 390 10.21 16.26 0.01
N THR A 391 10.32 16.85 1.21
CA THR A 391 10.32 18.30 1.35
C THR A 391 11.58 18.90 0.72
N PRO A 392 11.45 20.11 0.14
CA PRO A 392 12.64 20.83 -0.28
C PRO A 392 13.64 21.04 0.87
N LYS A 393 13.13 21.29 2.07
CA LYS A 393 13.96 21.40 3.27
C LYS A 393 14.95 20.23 3.38
N HIS A 394 14.44 19.00 3.37
CA HIS A 394 15.28 17.83 3.53
C HIS A 394 16.18 17.56 2.32
N LEU A 395 15.63 17.72 1.12
CA LEU A 395 16.36 17.38 -0.10
C LEU A 395 17.55 18.31 -0.37
N GLU A 396 17.44 19.55 0.13
CA GLU A 396 18.57 20.48 0.12
C GLU A 396 19.66 20.08 1.12
N LYS A 397 19.24 19.61 2.30
CA LYS A 397 20.18 19.10 3.32
C LYS A 397 21.08 17.99 2.80
N ILE A 398 20.52 17.09 1.98
CA ILE A 398 21.26 15.94 1.48
C ILE A 398 21.84 16.16 0.08
N GLY A 399 21.84 17.42 -0.36
CA GLY A 399 22.51 17.81 -1.60
C GLY A 399 21.87 17.31 -2.87
N LEU A 400 20.61 16.89 -2.78
CA LEU A 400 19.89 16.36 -3.94
C LEU A 400 19.12 17.45 -4.68
N LEU A 401 18.78 18.53 -3.97
CA LEU A 401 18.06 19.65 -4.53
C LEU A 401 18.93 20.90 -4.52
N LYS A 402 19.27 21.39 -5.71
CA LYS A 402 20.22 22.49 -5.86
C LYS A 402 19.58 23.75 -6.44
N ASP A 403 20.05 24.91 -5.98
CA ASP A 403 19.63 26.22 -6.49
C ASP A 403 18.11 26.43 -6.47
N TYR A 404 17.49 25.98 -5.39
CA TYR A 404 16.04 26.02 -5.23
C TYR A 404 15.62 27.28 -4.50
N VAL A 405 14.67 28.01 -5.08
CA VAL A 405 14.08 29.19 -4.45
C VAL A 405 12.63 28.87 -4.09
N ARG A 406 12.34 28.87 -2.79
CA ARG A 406 11.01 28.49 -2.31
C ARG A 406 10.07 29.70 -2.24
N ASP A 407 9.68 30.22 -3.40
CA ASP A 407 8.67 31.29 -3.46
C ASP A 407 7.25 30.70 -3.47
N ASP A 408 6.24 31.57 -3.51
CA ASP A 408 4.84 31.15 -3.50
C ASP A 408 4.50 30.16 -4.61
N GLU A 409 5.09 30.38 -5.79
CA GLU A 409 4.82 29.55 -6.96
C GLU A 409 5.47 28.16 -6.87
N ALA A 410 6.73 28.13 -6.43
CA ALA A 410 7.42 26.86 -6.22
C ALA A 410 6.70 26.03 -5.16
N ARG A 411 6.15 26.70 -4.14
CA ARG A 411 5.39 26.02 -3.09
C ARG A 411 4.13 25.33 -3.65
N ILE A 412 3.41 26.03 -4.53
CA ILE A 412 2.25 25.45 -5.20
C ILE A 412 2.63 24.23 -6.06
N ASN A 413 3.73 24.34 -6.79
CA ASN A 413 4.27 23.20 -7.55
C ASN A 413 4.49 21.96 -6.67
N GLN A 414 5.13 22.17 -5.51
CA GLN A 414 5.47 21.09 -4.58
C GLN A 414 4.22 20.50 -3.92
N LEU A 415 3.30 21.36 -3.50
CA LEU A 415 2.01 20.92 -2.97
C LEU A 415 1.24 20.11 -4.01
N PHE A 416 1.23 20.59 -5.25
CA PHE A 416 0.54 19.89 -6.33
C PHE A 416 1.19 18.52 -6.59
N LEU A 417 2.52 18.49 -6.63
CA LEU A 417 3.28 17.26 -6.79
C LEU A 417 2.92 16.23 -5.72
N THR A 418 2.86 16.68 -4.46
CA THR A 418 2.46 15.81 -3.35
C THR A 418 1.03 15.31 -3.52
N ALA A 419 0.12 16.20 -3.88
CA ALA A 419 -1.28 15.86 -4.11
C ALA A 419 -1.46 14.82 -5.22
N LEU A 420 -0.61 14.90 -6.25
CA LEU A 420 -0.66 13.94 -7.36
C LEU A 420 -0.40 12.51 -6.89
N ASP A 421 0.32 12.40 -5.77
CA ASP A 421 0.56 11.11 -5.12
C ASP A 421 -0.41 10.82 -3.97
N LYS A 422 -0.77 11.84 -3.20
CA LYS A 422 -1.53 11.61 -1.95
C LYS A 422 -3.05 11.72 -2.07
N ILE A 423 -3.54 12.72 -2.79
CA ILE A 423 -4.99 12.89 -2.95
C ILE A 423 -5.53 11.96 -4.04
N VAL A 424 -4.85 11.95 -5.18
CA VAL A 424 -5.21 11.07 -6.31
C VAL A 424 -5.38 9.60 -5.90
N PHE A 425 -4.52 9.16 -4.99
CA PHE A 425 -4.51 7.77 -4.53
C PHE A 425 -5.78 7.36 -3.78
N LEU A 426 -6.41 8.32 -3.08
CA LEU A 426 -7.53 7.99 -2.19
C LEU A 426 -8.70 7.27 -2.89
N PRO A 427 -9.27 7.85 -3.97
CA PRO A 427 -10.33 7.11 -4.63
C PRO A 427 -9.84 5.79 -5.23
N PHE A 428 -8.59 5.76 -5.70
CA PHE A 428 -8.03 4.50 -6.22
C PHE A 428 -8.08 3.40 -5.17
N ALA A 429 -7.48 3.68 -4.02
CA ALA A 429 -7.39 2.70 -2.93
C ALA A 429 -8.77 2.24 -2.46
N PHE A 430 -9.72 3.17 -2.40
CA PHE A 430 -11.08 2.82 -1.98
C PHE A 430 -11.73 1.83 -2.95
N THR A 431 -11.53 2.04 -4.25
CA THR A 431 -12.15 1.15 -5.25
C THR A 431 -11.58 -0.26 -5.28
N MET A 432 -10.30 -0.43 -4.93
CA MET A 432 -9.67 -1.75 -4.91
C MET A 432 -10.45 -2.69 -3.98
N ASP A 433 -10.80 -2.18 -2.80
CA ASP A 433 -11.58 -2.99 -1.87
C ASP A 433 -13.09 -2.92 -2.05
N LYS A 434 -13.63 -1.78 -2.51
CA LYS A 434 -15.06 -1.74 -2.83
C LYS A 434 -15.39 -2.81 -3.88
N TYR A 435 -14.49 -2.97 -4.85
CA TYR A 435 -14.65 -4.00 -5.88
C TYR A 435 -14.64 -5.40 -5.30
N ARG A 436 -13.57 -5.75 -4.60
CA ARG A 436 -13.44 -7.10 -4.03
C ARG A 436 -14.50 -7.38 -2.98
N TRP A 437 -14.84 -6.40 -2.15
CA TRP A 437 -15.95 -6.55 -1.22
C TRP A 437 -17.23 -6.94 -1.95
N SER A 438 -17.51 -6.25 -3.05
CA SER A 438 -18.75 -6.49 -3.80
C SER A 438 -18.79 -7.91 -4.40
N LEU A 439 -17.64 -8.44 -4.77
CA LEU A 439 -17.55 -9.83 -5.25
C LEU A 439 -17.68 -10.82 -4.10
N PHE A 440 -16.95 -10.55 -3.02
CA PHE A 440 -16.99 -11.39 -1.81
C PHE A 440 -18.41 -11.51 -1.26
N ARG A 441 -19.13 -10.39 -1.28
CA ARG A 441 -20.50 -10.31 -0.74
C ARG A 441 -21.55 -10.87 -1.68
N GLY A 442 -21.14 -11.26 -2.89
CA GLY A 442 -22.05 -11.83 -3.89
C GLY A 442 -23.00 -10.79 -4.48
N GLU A 443 -22.54 -9.55 -4.56
CA GLU A 443 -23.36 -8.44 -5.03
C GLU A 443 -23.29 -8.22 -6.54
N VAL A 444 -22.35 -8.88 -7.21
CA VAL A 444 -22.16 -8.77 -8.66
C VAL A 444 -22.23 -10.16 -9.29
N ASP A 445 -23.10 -10.32 -10.29
CA ASP A 445 -23.15 -11.57 -11.06
C ASP A 445 -21.86 -11.77 -11.84
N LYS A 446 -21.40 -13.01 -11.94
CA LYS A 446 -20.15 -13.35 -12.64
C LYS A 446 -20.10 -12.79 -14.06
N ALA A 447 -21.26 -12.71 -14.70
CA ALA A 447 -21.39 -12.13 -16.03
C ALA A 447 -21.01 -10.65 -16.09
N ASN A 448 -21.00 -9.98 -14.93
CA ASN A 448 -20.76 -8.54 -14.87
C ASN A 448 -19.48 -8.14 -14.13
N TRP A 449 -18.58 -9.10 -13.87
CA TRP A 449 -17.40 -8.85 -13.03
C TRP A 449 -16.40 -7.83 -13.58
N ASN A 450 -16.13 -7.85 -14.87
CA ASN A 450 -15.15 -6.90 -15.40
C ASN A 450 -15.65 -5.47 -15.49
N CYS A 451 -16.86 -5.29 -16.00
CA CYS A 451 -17.38 -3.94 -16.10
C CYS A 451 -17.73 -3.35 -14.72
N ALA A 452 -17.99 -4.22 -13.73
CA ALA A 452 -18.14 -3.76 -12.34
C ALA A 452 -16.87 -3.10 -11.81
N PHE A 453 -15.72 -3.60 -12.24
CA PHE A 453 -14.42 -3.02 -11.87
C PHE A 453 -14.27 -1.63 -12.48
N TRP A 454 -14.42 -1.55 -13.80
CA TRP A 454 -14.27 -0.29 -14.50
C TRP A 454 -15.33 0.75 -14.14
N LYS A 455 -16.54 0.28 -13.83
CA LYS A 455 -17.59 1.17 -13.33
C LYS A 455 -17.15 1.92 -12.08
N LEU A 456 -16.53 1.21 -11.14
CA LEU A 456 -16.01 1.82 -9.91
C LEU A 456 -14.86 2.78 -10.17
N ARG A 457 -13.94 2.37 -11.06
CA ARG A 457 -12.81 3.22 -11.42
C ARG A 457 -13.30 4.53 -12.05
N ASP A 458 -14.33 4.44 -12.90
CA ASP A 458 -15.00 5.60 -13.49
C ASP A 458 -15.66 6.44 -12.38
N GLU A 459 -16.59 5.84 -11.64
CA GLU A 459 -17.37 6.56 -10.62
C GLU A 459 -16.50 7.34 -9.61
N TYR A 460 -15.44 6.71 -9.12
CA TYR A 460 -14.64 7.30 -8.05
C TYR A 460 -13.44 8.10 -8.54
N SER A 461 -12.71 7.58 -9.53
CA SER A 461 -11.49 8.23 -9.98
C SER A 461 -11.62 9.02 -11.28
N GLY A 462 -12.68 8.76 -12.05
CA GLY A 462 -12.89 9.48 -13.31
C GLY A 462 -11.81 9.16 -14.32
N ILE A 463 -11.36 7.91 -14.30
CA ILE A 463 -10.41 7.40 -15.29
C ILE A 463 -11.04 6.23 -16.03
N GLU A 464 -10.45 5.83 -17.15
CA GLU A 464 -10.97 4.76 -17.97
C GLU A 464 -9.84 4.10 -18.77
N PRO A 465 -10.05 2.84 -19.20
CA PRO A 465 -9.06 2.18 -20.07
C PRO A 465 -8.80 2.96 -21.37
N PRO A 466 -7.61 2.78 -21.97
CA PRO A 466 -7.25 3.43 -23.22
C PRO A 466 -8.01 2.85 -24.42
N VAL A 467 -8.45 1.59 -24.27
CA VAL A 467 -9.18 0.88 -25.30
C VAL A 467 -10.46 0.31 -24.73
N VAL A 468 -11.39 -0.05 -25.61
CA VAL A 468 -12.65 -0.67 -25.20
C VAL A 468 -12.40 -2.06 -24.62
N ARG A 469 -12.88 -2.27 -23.39
CA ARG A 469 -12.84 -3.57 -22.74
C ARG A 469 -14.25 -4.16 -22.71
N SER A 470 -14.35 -5.44 -22.39
CA SER A 470 -15.64 -6.10 -22.26
C SER A 470 -15.53 -7.19 -21.21
N GLU A 471 -16.57 -8.02 -21.11
CA GLU A 471 -16.55 -9.14 -20.19
C GLU A 471 -15.69 -10.30 -20.74
N LYS A 472 -15.14 -10.12 -21.94
CA LYS A 472 -14.13 -11.04 -22.46
C LYS A 472 -12.78 -10.81 -21.77
N ASP A 473 -12.59 -9.61 -21.23
CA ASP A 473 -11.37 -9.28 -20.50
C ASP A 473 -11.62 -9.41 -19.00
N PHE A 474 -10.54 -9.49 -18.22
CA PHE A 474 -10.66 -9.49 -16.77
C PHE A 474 -9.48 -8.75 -16.15
N ASP A 475 -9.72 -7.48 -15.82
CA ASP A 475 -8.62 -6.54 -15.64
C ASP A 475 -8.12 -6.34 -14.21
N ALA A 476 -8.97 -6.63 -13.22
CA ALA A 476 -8.61 -6.43 -11.81
C ALA A 476 -7.28 -7.05 -11.37
N PRO A 477 -7.01 -8.34 -11.72
CA PRO A 477 -5.75 -8.98 -11.28
C PRO A 477 -4.47 -8.39 -11.89
N ALA A 478 -4.60 -7.45 -12.81
CA ALA A 478 -3.42 -6.74 -13.33
C ALA A 478 -2.78 -5.86 -12.26
N LYS A 479 -3.50 -5.62 -11.15
CA LYS A 479 -2.92 -4.95 -9.99
C LYS A 479 -2.35 -6.02 -9.05
N TYR A 480 -1.09 -5.85 -8.64
CA TYR A 480 -0.39 -6.87 -7.85
C TYR A 480 -1.21 -7.39 -6.67
N HIS A 481 -1.67 -6.47 -5.82
CA HIS A 481 -2.41 -6.83 -4.60
C HIS A 481 -3.65 -7.67 -4.88
N ILE A 482 -4.24 -7.53 -6.06
CA ILE A 482 -5.41 -8.31 -6.42
C ILE A 482 -5.03 -9.74 -6.80
N SER A 483 -3.96 -9.89 -7.60
CA SER A 483 -3.42 -11.23 -7.89
C SER A 483 -2.86 -11.93 -6.66
N ALA A 484 -2.25 -11.14 -5.76
CA ALA A 484 -1.55 -11.69 -4.59
C ALA A 484 -2.43 -11.80 -3.33
N ASP A 485 -3.70 -11.46 -3.45
CA ASP A 485 -4.65 -11.53 -2.31
C ASP A 485 -4.15 -10.74 -1.10
N VAL A 486 -3.90 -9.45 -1.31
CA VAL A 486 -3.49 -8.55 -0.25
C VAL A 486 -4.58 -7.49 -0.11
N GLU A 487 -5.17 -7.40 1.08
CA GLU A 487 -6.19 -6.41 1.38
C GLU A 487 -5.65 -5.00 1.09
N TYR A 488 -6.48 -4.13 0.52
CA TYR A 488 -6.01 -2.82 0.08
C TYR A 488 -6.49 -1.64 0.94
N LEU A 489 -7.55 -1.85 1.71
CA LEU A 489 -8.09 -0.77 2.55
C LEU A 489 -7.02 -0.18 3.47
N ARG A 490 -6.06 -1.01 3.87
CA ARG A 490 -4.90 -0.59 4.66
C ARG A 490 -4.25 0.68 4.09
N TYR A 491 -4.19 0.79 2.77
CA TYR A 491 -3.55 1.95 2.14
C TYR A 491 -4.40 3.21 2.19
N LEU A 492 -5.72 3.07 2.04
CA LEU A 492 -6.62 4.21 2.22
C LEU A 492 -6.51 4.73 3.66
N VAL A 493 -6.58 3.82 4.62
CA VAL A 493 -6.42 4.17 6.03
C VAL A 493 -5.07 4.86 6.27
N SER A 494 -3.99 4.26 5.75
CA SER A 494 -2.64 4.84 5.82
C SER A 494 -2.56 6.29 5.34
N PHE A 495 -3.11 6.54 4.14
CA PHE A 495 -3.01 7.87 3.54
C PHE A 495 -3.79 8.94 4.30
N ILE A 496 -4.80 8.53 5.05
CA ILE A 496 -5.48 9.44 5.98
C ILE A 496 -4.67 9.62 7.27
N ILE A 497 -4.38 8.54 7.98
CA ILE A 497 -3.74 8.66 9.30
C ILE A 497 -2.28 9.11 9.25
N GLN A 498 -1.58 8.86 8.14
CA GLN A 498 -0.18 9.31 8.02
C GLN A 498 -0.06 10.82 8.17
N PHE A 499 -1.12 11.55 7.84
CA PHE A 499 -1.11 12.99 7.99
C PHE A 499 -1.37 13.40 9.45
N GLN A 500 -2.15 12.60 10.16
CA GLN A 500 -2.32 12.77 11.60
C GLN A 500 -0.97 12.56 12.30
N PHE A 501 -0.27 11.48 11.94
CA PHE A 501 1.06 11.20 12.48
C PHE A 501 2.08 12.30 12.13
N TYR A 502 2.10 12.69 10.86
CA TYR A 502 3.02 13.71 10.36
C TYR A 502 2.83 15.06 11.03
N LYS A 503 1.59 15.53 11.08
CA LYS A 503 1.25 16.79 11.74
C LYS A 503 1.76 16.79 13.18
N SER A 504 1.40 15.75 13.93
CA SER A 504 1.79 15.64 15.34
C SER A 504 3.29 15.52 15.53
N ALA A 505 3.95 14.73 14.68
CA ALA A 505 5.41 14.59 14.71
C ALA A 505 6.11 15.90 14.41
N CYS A 506 5.58 16.66 13.45
CA CYS A 506 6.11 17.98 13.11
C CYS A 506 5.93 18.99 14.24
N ILE A 507 4.75 19.00 14.87
CA ILE A 507 4.49 19.87 16.03
C ILE A 507 5.47 19.56 17.17
N LYS A 508 5.63 18.27 17.47
CA LYS A 508 6.57 17.80 18.51
C LYS A 508 8.01 18.17 18.21
N ALA A 509 8.36 18.18 16.93
CA ALA A 509 9.72 18.51 16.47
C ALA A 509 9.95 20.02 16.36
N GLY A 510 8.92 20.81 16.65
CA GLY A 510 8.98 22.26 16.50
C GLY A 510 9.12 22.69 15.05
N GLN A 511 8.60 21.86 14.15
CA GLN A 511 8.74 22.06 12.71
C GLN A 511 7.47 22.60 12.08
N TYR A 512 6.40 22.65 12.86
CA TYR A 512 5.12 23.15 12.37
C TYR A 512 4.38 23.98 13.40
N ASP A 513 3.99 25.18 12.98
CA ASP A 513 3.17 26.08 13.75
C ASP A 513 2.23 26.77 12.76
N PRO A 514 0.90 26.57 12.91
CA PRO A 514 -0.08 27.12 11.96
C PRO A 514 -0.14 28.65 11.90
N ASP A 515 0.43 29.30 12.92
CA ASP A 515 0.44 30.77 12.99
C ASP A 515 1.81 31.36 12.63
N ASN A 516 2.75 30.49 12.27
CA ASN A 516 4.07 30.93 11.86
C ASN A 516 4.34 30.59 10.40
N VAL A 517 4.36 31.62 9.56
CA VAL A 517 4.58 31.47 8.11
C VAL A 517 5.92 30.78 7.76
N GLU A 518 6.87 30.83 8.69
CA GLU A 518 8.18 30.22 8.49
C GLU A 518 8.19 28.71 8.75
N LEU A 519 7.12 28.19 9.34
CA LEU A 519 7.02 26.77 9.66
C LEU A 519 5.77 26.14 9.05
N PRO A 520 5.71 26.05 7.70
CA PRO A 520 4.54 25.42 7.10
C PRO A 520 4.62 23.90 7.19
N LEU A 521 3.45 23.25 7.28
CA LEU A 521 3.40 21.80 7.39
C LEU A 521 4.08 21.11 6.22
N ASP A 522 3.92 21.69 5.03
CA ASP A 522 4.44 21.10 3.79
C ASP A 522 5.95 21.28 3.56
N ASN A 523 6.65 21.89 4.51
CA ASN A 523 8.11 21.92 4.47
C ASN A 523 8.76 21.39 5.77
N CYS A 524 7.99 20.63 6.54
CA CYS A 524 8.48 20.04 7.79
C CYS A 524 9.46 18.89 7.55
N ASP A 525 10.59 18.94 8.22
CA ASP A 525 11.54 17.83 8.22
C ASP A 525 11.73 17.32 9.64
N ILE A 526 11.37 16.06 9.85
CA ILE A 526 11.50 15.43 11.17
C ILE A 526 12.83 14.69 11.37
N TYR A 527 13.73 14.77 10.39
CA TYR A 527 15.07 14.17 10.52
C TYR A 527 15.73 14.67 11.81
N GLY A 528 16.40 13.76 12.50
CA GLY A 528 17.14 14.11 13.71
C GLY A 528 16.31 14.43 14.94
N SER A 529 14.99 14.31 14.84
CA SER A 529 14.10 14.66 15.96
C SER A 529 13.83 13.49 16.92
N ALA A 530 14.43 13.56 18.10
CA ALA A 530 14.20 12.55 19.16
C ALA A 530 12.77 12.61 19.73
N ALA A 531 12.18 13.80 19.73
CA ALA A 531 10.81 14.00 20.21
C ALA A 531 9.78 13.29 19.31
N ALA A 532 9.96 13.38 17.99
CA ALA A 532 9.11 12.67 17.04
C ALA A 532 9.32 11.16 17.15
N GLY A 533 10.57 10.76 17.36
CA GLY A 533 10.93 9.34 17.53
C GLY A 533 10.32 8.72 18.77
N ALA A 534 10.21 9.52 19.84
CA ALA A 534 9.61 9.07 21.10
C ALA A 534 8.14 8.70 20.92
N ALA A 535 7.42 9.52 20.18
CA ALA A 535 6.01 9.28 19.87
C ALA A 535 5.85 7.98 19.08
N PHE A 536 6.70 7.78 18.07
CA PHE A 536 6.75 6.53 17.31
C PHE A 536 7.05 5.34 18.20
N HIS A 537 8.07 5.44 19.05
CA HIS A 537 8.41 4.34 19.95
C HIS A 537 7.24 4.00 20.86
N ASN A 538 6.60 5.02 21.44
CA ASN A 538 5.44 4.83 22.30
C ASN A 538 4.30 4.08 21.62
N MET A 539 4.11 4.33 20.32
CA MET A 539 3.01 3.72 19.58
C MET A 539 3.38 2.35 19.02
N LEU A 540 4.50 2.29 18.31
CA LEU A 540 4.90 1.06 17.62
C LEU A 540 5.24 -0.10 18.57
N SER A 541 5.80 0.23 19.73
CA SER A 541 6.20 -0.81 20.69
C SER A 541 5.00 -1.61 21.20
N MET A 542 3.82 -1.01 21.12
CA MET A 542 2.56 -1.65 21.53
C MET A 542 2.12 -2.79 20.61
N GLY A 543 2.53 -2.74 19.35
CA GLY A 543 2.03 -3.69 18.36
C GLY A 543 0.51 -3.68 18.38
N ALA A 544 -0.08 -4.88 18.46
CA ALA A 544 -1.52 -5.04 18.50
C ALA A 544 -2.03 -5.37 19.90
N SER A 545 -1.23 -5.03 20.92
CA SER A 545 -1.59 -5.32 22.31
C SER A 545 -2.88 -4.64 22.77
N LYS A 546 -3.21 -3.51 22.13
CA LYS A 546 -4.41 -2.75 22.45
C LYS A 546 -5.16 -2.37 21.16
N PRO A 547 -6.48 -2.11 21.27
CA PRO A 547 -7.23 -1.61 20.10
C PRO A 547 -6.57 -0.34 19.55
N TRP A 548 -6.63 -0.15 18.23
CA TRP A 548 -5.88 0.93 17.57
C TRP A 548 -6.11 2.36 18.11
N PRO A 549 -7.33 2.70 18.58
CA PRO A 549 -7.43 4.06 19.14
C PRO A 549 -6.48 4.31 20.31
N ASP A 550 -6.16 3.26 21.07
CA ASP A 550 -5.20 3.35 22.19
C ASP A 550 -3.78 3.58 21.69
N ALA A 551 -3.45 2.99 20.54
CA ALA A 551 -2.15 3.17 19.92
C ALA A 551 -2.01 4.58 19.37
N LEU A 552 -3.08 5.11 18.78
CA LEU A 552 -3.10 6.50 18.31
C LEU A 552 -2.96 7.46 19.49
N GLU A 553 -3.66 7.16 20.58
CA GLU A 553 -3.60 7.98 21.79
C GLU A 553 -2.18 8.05 22.35
N ALA A 554 -1.45 6.94 22.27
CA ALA A 554 -0.06 6.86 22.71
C ALA A 554 0.84 7.80 21.90
N PHE A 555 0.53 7.97 20.61
CA PHE A 555 1.30 8.85 19.74
C PHE A 555 1.04 10.32 20.02
N ASN A 556 -0.23 10.72 20.03
CA ASN A 556 -0.59 12.15 20.08
C ASN A 556 -1.80 12.52 20.91
N GLY A 557 -2.30 11.60 21.73
CA GLY A 557 -3.44 11.86 22.61
C GLY A 557 -4.81 11.79 21.97
N GLU A 558 -4.87 11.50 20.68
CA GLU A 558 -6.14 11.40 19.96
C GLU A 558 -6.58 9.95 19.81
N ARG A 559 -7.88 9.73 19.62
CA ARG A 559 -8.44 8.38 19.54
C ARG A 559 -9.27 8.16 18.26
N ILE A 560 -9.34 9.19 17.41
CA ILE A 560 -10.25 9.18 16.27
C ILE A 560 -9.50 9.34 14.95
N MET A 561 -9.81 8.46 13.99
CA MET A 561 -9.35 8.60 12.61
C MET A 561 -10.05 9.80 12.00
N SER A 562 -9.26 10.74 11.49
CA SER A 562 -9.81 12.02 11.03
C SER A 562 -9.13 12.54 9.76
N GLY A 563 -9.93 13.11 8.88
CA GLY A 563 -9.43 13.72 7.66
C GLY A 563 -8.97 15.17 7.84
N LYS A 564 -9.04 15.65 9.08
CA LYS A 564 -8.66 17.04 9.37
C LYS A 564 -7.22 17.37 8.97
N ALA A 565 -6.29 16.47 9.31
CA ALA A 565 -4.88 16.71 9.08
C ALA A 565 -4.51 16.76 7.59
N ILE A 566 -5.03 15.82 6.80
CA ILE A 566 -4.74 15.82 5.37
C ILE A 566 -5.31 17.08 4.69
N ALA A 567 -6.49 17.51 5.11
CA ALA A 567 -7.11 18.71 4.54
C ALA A 567 -6.32 19.97 4.92
N GLU A 568 -5.76 19.97 6.13
CA GLU A 568 -4.93 21.05 6.64
C GLU A 568 -3.63 21.17 5.81
N TYR A 569 -3.01 20.03 5.52
CA TYR A 569 -1.81 19.99 4.69
C TYR A 569 -2.04 20.62 3.31
N PHE A 570 -3.17 20.28 2.70
CA PHE A 570 -3.44 20.69 1.32
C PHE A 570 -4.26 21.97 1.19
N GLU A 571 -4.67 22.55 2.32
CA GLU A 571 -5.50 23.76 2.31
C GLU A 571 -4.96 24.90 1.40
N PRO A 572 -3.66 25.23 1.49
CA PRO A 572 -3.18 26.28 0.57
C PRO A 572 -3.28 25.90 -0.91
N LEU A 573 -3.16 24.62 -1.23
CA LEU A 573 -3.39 24.15 -2.59
C LEU A 573 -4.86 24.24 -2.99
N ARG A 574 -5.76 23.89 -2.07
CA ARG A 574 -7.19 23.94 -2.35
C ARG A 574 -7.63 25.36 -2.75
N VAL A 575 -7.18 26.35 -1.98
CA VAL A 575 -7.52 27.75 -2.23
C VAL A 575 -6.99 28.19 -3.61
N TRP A 576 -5.73 27.89 -3.88
CA TRP A 576 -5.13 28.26 -5.16
C TRP A 576 -5.79 27.55 -6.34
N LEU A 577 -6.02 26.25 -6.20
CA LEU A 577 -6.55 25.42 -7.29
C LEU A 577 -7.99 25.77 -7.66
N GLU A 578 -8.84 25.97 -6.65
CA GLU A 578 -10.21 26.40 -6.88
C GLU A 578 -10.23 27.69 -7.69
N ALA A 579 -9.36 28.62 -7.34
CA ALA A 579 -9.26 29.90 -8.03
C ALA A 579 -8.72 29.73 -9.46
N GLU A 580 -7.74 28.86 -9.62
CA GLU A 580 -7.11 28.65 -10.92
C GLU A 580 -8.05 28.00 -11.93
N ASN A 581 -8.84 27.04 -11.46
CA ASN A 581 -9.84 26.38 -12.28
C ASN A 581 -10.97 27.34 -12.71
N ILE A 582 -11.36 28.24 -11.81
CA ILE A 582 -12.32 29.29 -12.16
C ILE A 582 -11.72 30.26 -13.17
N LYS A 583 -10.49 30.71 -12.91
CA LYS A 583 -9.78 31.62 -13.82
C LYS A 583 -9.67 31.07 -15.24
N ASN A 584 -9.46 29.75 -15.35
CA ASN A 584 -9.26 29.09 -16.64
C ASN A 584 -10.51 28.37 -17.15
N ASN A 585 -11.65 28.59 -16.48
CA ASN A 585 -12.93 28.01 -16.91
C ASN A 585 -12.83 26.49 -17.08
N VAL A 586 -12.15 25.86 -16.13
CA VAL A 586 -11.85 24.42 -16.22
C VAL A 586 -13.09 23.60 -15.89
N HIS A 587 -13.42 22.66 -16.77
CA HIS A 587 -14.57 21.78 -16.55
C HIS A 587 -14.28 20.77 -15.45
N ILE A 588 -15.25 20.59 -14.56
CA ILE A 588 -15.13 19.68 -13.42
C ILE A 588 -16.19 18.59 -13.52
N GLY A 589 -15.77 17.35 -13.24
CA GLY A 589 -16.67 16.21 -13.31
C GLY A 589 -16.53 15.52 -14.66
N TRP A 590 -17.18 14.38 -14.82
CA TRP A 590 -17.05 13.60 -16.04
C TRP A 590 -18.30 12.82 -16.36
N THR A 591 -18.50 12.57 -17.66
CA THR A 591 -19.61 11.73 -18.11
C THR A 591 -19.24 10.27 -17.88
N THR A 592 -20.25 9.40 -17.91
CA THR A 592 -20.04 7.97 -17.74
C THR A 592 -19.22 7.42 -18.91
N SER A 593 -18.25 6.56 -18.57
CA SER A 593 -17.33 5.99 -19.54
C SER A 593 -18.02 5.06 -20.52
N ASN A 594 -17.52 5.04 -21.75
CA ASN A 594 -17.98 4.13 -22.81
CA ASN A 594 -18.05 4.09 -22.74
C ASN A 594 -17.01 3.00 -23.08
N LYS A 595 -16.01 2.85 -22.20
CA LYS A 595 -14.91 1.91 -22.41
C LYS A 595 -15.06 0.47 -21.88
N CYS A 596 -16.21 0.15 -21.29
CA CYS A 596 -16.50 -1.25 -20.93
C CYS A 596 -17.87 -1.67 -21.44
N VAL A 597 -17.86 -2.54 -22.44
CA VAL A 597 -19.07 -3.01 -23.12
C VAL A 597 -19.69 -4.20 -22.39
N SER A 598 -20.96 -4.06 -22.02
CA SER A 598 -21.72 -5.16 -21.42
C SER A 598 -22.26 -6.08 -22.52
C1 NAG B . -20.19 -20.56 13.92
C2 NAG B . -19.26 -21.12 14.98
C3 NAG B . -19.62 -22.57 15.29
C4 NAG B . -21.12 -22.73 15.54
C5 NAG B . -21.97 -22.01 14.49
C6 NAG B . -23.44 -22.01 14.85
C7 NAG B . -16.95 -20.30 15.08
C8 NAG B . -15.57 -20.36 14.48
N2 NAG B . -17.88 -21.06 14.53
O3 NAG B . -18.89 -23.01 16.41
O4 NAG B . -21.42 -24.12 15.53
O5 NAG B . -21.54 -20.67 14.35
O6 NAG B . -24.20 -21.56 13.75
O7 NAG B . -17.17 -19.55 16.05
C1 NAG B . -21.93 -24.57 16.80
C2 NAG B . -22.54 -25.96 16.60
C3 NAG B . -23.11 -26.49 17.91
C4 NAG B . -22.10 -26.42 19.06
C5 NAG B . -21.39 -25.06 19.09
C6 NAG B . -20.16 -25.13 20.00
C7 NAG B . -24.71 -25.52 15.43
C8 NAG B . -25.42 -25.68 14.13
N2 NAG B . -23.46 -25.99 15.47
O3 NAG B . -23.53 -27.82 17.73
O4 NAG B . -22.76 -26.61 20.29
O5 NAG B . -20.96 -24.60 17.81
O6 NAG B . -20.07 -23.93 20.71
O7 NAG B . -25.28 -24.97 16.39
C1 BMA B . -22.67 -27.97 20.78
C2 BMA B . -22.69 -27.96 22.31
C3 BMA B . -22.71 -29.40 22.88
C4 BMA B . -23.76 -30.26 22.21
C5 BMA B . -23.67 -30.15 20.67
C6 BMA B . -24.79 -30.92 20.00
O2 BMA B . -23.82 -27.25 22.77
O3 BMA B . -22.94 -29.37 24.27
O4 BMA B . -23.58 -31.61 22.60
O5 BMA B . -23.73 -28.78 20.30
O6 BMA B . -25.12 -30.34 18.75
C1 MAN B . -21.73 -29.65 25.00
C2 MAN B . -22.03 -30.26 26.37
C3 MAN B . -22.67 -29.22 27.30
C4 MAN B . -21.89 -27.90 27.32
C5 MAN B . -21.39 -27.44 25.94
C6 MAN B . -20.23 -26.45 26.06
O2 MAN B . -20.83 -30.74 26.94
O3 MAN B . -22.75 -29.74 28.61
O4 MAN B . -22.72 -26.93 27.89
O5 MAN B . -20.89 -28.52 25.16
O6 MAN B . -20.69 -25.14 26.30
C1 BMA B . -20.01 -24.59 27.45
C2 BMA B . -21.01 -23.70 28.20
C3 BMA B . -20.60 -23.39 29.64
C4 BMA B . -20.14 -24.67 30.35
C5 BMA B . -18.98 -25.26 29.55
C6 BMA B . -18.40 -26.49 30.22
O2 BMA B . -22.29 -24.28 28.21
O3 BMA B . -21.65 -22.76 30.32
O4 BMA B . -19.75 -24.39 31.68
O5 BMA B . -19.44 -25.62 28.26
O6 BMA B . -17.04 -26.27 30.50
C1 MAN B . -25.54 -31.35 17.81
C2 MAN B . -24.56 -31.45 16.63
C3 MAN B . -24.79 -30.35 15.59
C4 MAN B . -26.28 -30.18 15.26
C5 MAN B . -27.08 -30.02 16.54
C6 MAN B . -28.58 -29.85 16.27
O2 MAN B . -24.65 -32.73 16.05
O3 MAN B . -24.07 -30.62 14.39
O4 MAN B . -26.43 -29.06 14.42
O5 MAN B . -26.88 -31.16 17.37
O6 MAN B . -29.27 -29.68 17.49
CAR K26 C . 3.57 -7.92 -0.57
CAN K26 C . 3.49 -9.28 -0.33
CBD K26 C . 2.60 -9.77 0.63
OAI K26 C . 2.53 -11.11 0.86
CAO K26 C . 1.80 -8.89 1.36
CAS K26 C . 1.88 -7.51 1.11
CBF K26 C . 2.77 -7.03 0.13
CAV K26 C . 2.89 -5.52 -0.15
CBI K26 C . 3.95 -4.85 0.77
PBK K26 C . 3.96 -3.02 0.60
OAJ K26 C . 5.33 -2.53 1.22
OAK K26 C . 4.01 -2.78 -1.00
OAG K26 C . 2.79 -2.37 1.27
NAY K26 C . 3.69 -5.26 2.15
C K26 C . 4.53 -6.03 2.84
O K26 C . 5.62 -6.43 2.43
CA K26 C . 4.03 -6.47 4.23
N K26 C . 4.67 -7.76 4.58
CBB K26 C . 3.99 -8.90 4.78
OAF K26 C . 2.76 -9.02 4.72
CBJ K26 C . 4.87 -10.10 5.18
CBG K26 C . 4.78 -11.25 4.18
CAC K26 C . 5.34 -10.82 2.83
CAT K26 C . 5.57 -12.48 4.70
CAA K26 C . 5.01 -13.80 4.17
NAX K26 C . 4.44 -10.49 6.54
CAZ K26 C . 5.28 -10.54 7.57
CAB K26 C . 4.67 -10.93 8.91
OAD K26 C . 6.49 -10.32 7.48
CB K26 C . 4.35 -5.44 5.30
CG K26 C . 3.56 -5.79 6.57
CD1 K26 C . 2.37 -5.13 6.86
CE1 K26 C . 1.64 -5.45 8.01
CZ K26 C . 2.11 -6.45 8.86
OH K26 C . 1.39 -6.75 10.00
CE2 K26 C . 3.29 -7.11 8.57
CD2 K26 C . 4.01 -6.79 7.43
ZN ZN D . 3.64 -1.44 2.79
N1 EPE E . 2.82 2.11 -1.99
C2 EPE E . 3.89 2.11 -0.96
C3 EPE E . 5.16 2.72 -1.54
N4 EPE E . 4.90 4.01 -2.16
C5 EPE E . 3.72 4.19 -2.99
C6 EPE E . 2.49 3.48 -2.41
C7 EPE E . 5.80 5.12 -1.88
C8 EPE E . 6.47 5.69 -3.13
O8 EPE E . 5.81 6.88 -3.49
C9 EPE E . 1.63 1.46 -1.40
C10 EPE E . 0.61 1.07 -2.47
S EPE E . 1.27 0.03 -3.79
O1S EPE E . 0.15 -0.48 -4.59
O2S EPE E . 2.04 -1.06 -3.21
O3S EPE E . 2.16 0.80 -4.65
C1 NAG F . 16.58 7.62 23.02
C2 NAG F . 16.37 9.04 23.53
C3 NAG F . 16.14 9.09 25.03
C4 NAG F . 15.21 7.99 25.50
C5 NAG F . 15.61 6.65 24.91
C6 NAG F . 14.67 5.54 25.34
C7 NAG F . 17.53 11.17 23.35
C8 NAG F . 18.78 11.89 22.97
N2 NAG F . 17.54 9.85 23.20
O3 NAG F . 15.60 10.35 25.35
O4 NAG F . 15.23 7.92 26.91
O5 NAG F . 15.58 6.75 23.51
O6 NAG F . 14.56 4.58 24.30
O7 NAG F . 16.55 11.79 23.77
C1 NAG G . 16.11 -21.68 -7.07
C2 NAG G . 17.60 -21.69 -6.72
C3 NAG G . 18.30 -22.97 -7.19
C4 NAG G . 17.48 -24.20 -6.84
C5 NAG G . 16.03 -24.02 -7.26
C6 NAG G . 15.20 -25.24 -6.91
C7 NAG G . 18.86 -19.62 -6.59
C8 NAG G . 19.54 -18.52 -7.33
N2 NAG G . 18.28 -20.56 -7.33
O3 NAG G . 19.55 -23.05 -6.56
O4 NAG G . 18.03 -25.33 -7.49
O5 NAG G . 15.51 -22.87 -6.62
O6 NAG G . 13.95 -25.18 -7.57
O7 NAG G . 18.85 -19.65 -5.35
#